data_4KW5
#
_entry.id   4KW5
#
_cell.length_a   78.230
_cell.length_b   84.190
_cell.length_c   81.050
_cell.angle_alpha   90.00
_cell.angle_beta   103.55
_cell.angle_gamma   90.00
#
_symmetry.space_group_name_H-M   'P 1 21 1'
#
loop_
_entity.id
_entity.type
_entity.pdbx_description
1 polymer Oxidoreductase
2 non-polymer 'FLAVIN-ADENINE DINUCLEOTIDE'
3 non-polymer 'ethyl ({2-[(1,3-benzothiazol-2-ylcarbonyl)amino]thiophen-3-yl}carbonyl)carbamate'
4 non-polymer GLYCEROL
5 non-polymer IMIDAZOLE
6 water water
#
_entity_poly.entity_id   1
_entity_poly.type   'polypeptide(L)'
_entity_poly.pdbx_seq_one_letter_code
;MLSVGATTTATRLTGWGRTAPSVANVLRTPDAEMIVKAVARVAESGGGRGAIARGLGRSYGDNAQNGGGLVIDMTPLNTI
HSIDADTKLVDIDAGVNLDQLMKAALPFGLWVPVLPGTRQVTVGGAIACDIHGKNHHSAGSFGNHVRSMDLLTADGEIRH
LTPTGEDAELFWATVGGNGLTGIIMRATIEMTPTSTAYFIADGDVTASLDETIALHSDGSEARYTYSSAWFDAISAPPKL
GRAAVSRGRLATVEQLPAKLRSEPLKFDAPQLLTLPDVFPNGLANKYTFGPIGELWYRKSGTYRGKVQNLTQFYHPLDMF
GEWNRAYGPAGFLQYQFVIPTEAVDEFKKIIGVIQASGHYSFLNVFKLFGPRNQAPLSFPIPGWNICVDFPIKDGLGKFV
SELDRRVLEFGGRLYTAKDSRTTAETFHAMYPRVDEWISVRRKVDPLRVFASDMARRLELL
;
_entity_poly.pdbx_strand_id   A,B
#
loop_
_chem_comp.id
_chem_comp.type
_chem_comp.name
_chem_comp.formula
1W6 non-polymer 'ethyl ({2-[(1,3-benzothiazol-2-ylcarbonyl)amino]thiophen-3-yl}carbonyl)carbamate' 'C16 H13 N3 O4 S2'
FAD non-polymer 'FLAVIN-ADENINE DINUCLEOTIDE' 'C27 H33 N9 O15 P2'
GOL non-polymer GLYCEROL 'C3 H8 O3'
IMD non-polymer IMIDAZOLE 'C3 H5 N2 1'
#
# COMPACT_ATOMS: atom_id res chain seq x y z
N THR A 7 25.47 22.31 -1.28
CA THR A 7 25.71 20.88 -1.42
C THR A 7 25.72 20.18 -0.05
N THR A 8 26.89 20.10 0.56
CA THR A 8 27.07 19.35 1.79
C THR A 8 26.93 20.21 3.05
N THR A 9 26.73 19.54 4.19
CA THR A 9 26.59 20.21 5.48
C THR A 9 27.37 19.46 6.54
N ALA A 10 28.41 20.09 7.09
CA ALA A 10 29.22 19.47 8.14
C ALA A 10 28.40 19.20 9.40
N THR A 11 28.32 17.92 9.78
CA THR A 11 27.50 17.49 10.90
C THR A 11 28.27 16.52 11.80
N ARG A 12 27.99 16.56 13.09
CA ARG A 12 28.55 15.58 14.02
C ARG A 12 27.65 14.35 14.06
N LEU A 13 28.19 13.22 13.60
CA LEU A 13 27.43 11.98 13.49
C LEU A 13 27.87 10.95 14.51
N THR A 14 26.91 10.18 15.02
CA THR A 14 27.20 9.01 15.84
C THR A 14 26.39 7.84 15.30
N GLY A 15 26.43 6.70 15.99
CA GLY A 15 25.53 5.61 15.67
C GLY A 15 24.34 5.75 16.59
N TRP A 16 23.55 4.68 16.74
CA TRP A 16 22.40 4.72 17.63
C TRP A 16 22.84 4.71 19.09
N GLY A 17 24.05 4.19 19.33
CA GLY A 17 24.61 4.12 20.66
C GLY A 17 24.95 5.51 21.16
N ARG A 18 24.86 6.49 20.25
CA ARG A 18 25.17 7.88 20.54
C ARG A 18 26.55 7.98 21.19
N THR A 19 27.54 7.38 20.54
CA THR A 19 28.91 7.34 21.05
C THR A 19 29.94 7.39 19.90
N ALA A 20 31.18 7.68 20.26
CA ALA A 20 32.28 7.79 19.29
C ALA A 20 32.03 8.79 18.14
N PRO A 21 31.73 10.06 18.49
CA PRO A 21 31.26 10.99 17.47
C PRO A 21 32.36 11.47 16.53
N SER A 22 32.06 11.55 15.24
CA SER A 22 32.98 12.18 14.27
C SER A 22 32.23 13.18 13.37
N VAL A 23 32.95 14.12 12.77
CA VAL A 23 32.33 15.14 11.94
C VAL A 23 32.61 14.91 10.46
N ALA A 24 31.53 14.91 9.67
CA ALA A 24 31.64 14.72 8.23
C ALA A 24 30.74 15.70 7.48
N ASN A 25 30.96 15.78 6.17
CA ASN A 25 30.08 16.50 5.27
C ASN A 25 28.89 15.62 4.89
N VAL A 26 27.70 15.98 5.35
CA VAL A 26 26.51 15.18 5.07
C VAL A 26 25.72 15.70 3.87
N LEU A 27 25.94 15.07 2.71
CA LEU A 27 25.15 15.36 1.53
C LEU A 27 23.75 14.75 1.68
N ARG A 28 22.71 15.53 1.36
CA ARG A 28 21.35 15.03 1.45
C ARG A 28 20.48 15.50 0.29
N THR A 29 20.44 14.70 -0.76
CA THR A 29 19.69 15.05 -1.96
C THR A 29 18.80 13.89 -2.39
N PRO A 30 17.61 14.20 -2.92
CA PRO A 30 16.72 13.20 -3.53
C PRO A 30 17.09 12.99 -5.00
N ASP A 31 17.96 13.84 -5.52
CA ASP A 31 18.38 13.75 -6.90
C ASP A 31 19.59 12.81 -7.00
N ALA A 32 19.35 11.62 -7.55
CA ALA A 32 20.41 10.62 -7.71
C ALA A 32 21.57 11.06 -8.60
N GLU A 33 21.31 12.02 -9.49
CA GLU A 33 22.37 12.55 -10.34
C GLU A 33 23.42 13.24 -9.50
N MET A 34 22.96 14.00 -8.51
CA MET A 34 23.83 14.74 -7.61
C MET A 34 24.71 13.78 -6.84
N ILE A 35 24.12 12.66 -6.44
CA ILE A 35 24.84 11.64 -5.70
C ILE A 35 25.99 11.07 -6.53
N VAL A 36 25.68 10.73 -7.78
CA VAL A 36 26.67 10.21 -8.71
C VAL A 36 27.85 11.15 -8.88
N LYS A 37 27.57 12.45 -8.92
CA LYS A 37 28.59 13.48 -9.15
C LYS A 37 29.37 13.79 -7.87
N ALA A 38 28.72 13.60 -6.73
CA ALA A 38 29.38 13.79 -5.45
C ALA A 38 30.47 12.73 -5.30
N VAL A 39 30.20 11.55 -5.83
CA VAL A 39 31.14 10.43 -5.81
C VAL A 39 32.28 10.65 -6.79
N ALA A 40 31.93 11.09 -8.00
CA ALA A 40 32.95 11.39 -9.01
C ALA A 40 33.88 12.49 -8.49
N ARG A 41 33.32 13.44 -7.74
CA ARG A 41 34.07 14.52 -7.11
C ARG A 41 35.09 13.99 -6.10
N VAL A 42 34.65 13.04 -5.27
CA VAL A 42 35.52 12.40 -4.29
C VAL A 42 36.57 11.53 -4.98
N ALA A 43 36.17 10.88 -6.07
CA ALA A 43 37.05 9.97 -6.81
C ALA A 43 38.14 10.69 -7.61
N GLU A 44 38.01 12.01 -7.74
CA GLU A 44 38.96 12.80 -8.51
C GLU A 44 39.92 13.52 -7.58
N SER A 45 39.44 13.89 -6.40
CA SER A 45 40.24 14.64 -5.44
C SER A 45 41.20 13.72 -4.69
N GLY A 46 41.86 12.83 -5.44
CA GLY A 46 42.76 11.85 -4.87
C GLY A 46 42.02 10.68 -4.24
N GLY A 47 41.07 11.00 -3.38
CA GLY A 47 40.34 10.00 -2.61
C GLY A 47 40.13 10.51 -1.20
N GLY A 48 41.18 11.07 -0.62
CA GLY A 48 41.12 11.65 0.71
C GLY A 48 40.56 10.69 1.73
N ARG A 49 39.56 11.15 2.48
CA ARG A 49 38.89 10.31 3.47
C ARG A 49 37.62 9.70 2.91
N GLY A 50 37.46 9.79 1.60
CA GLY A 50 36.41 9.10 0.87
C GLY A 50 34.98 9.38 1.27
N ALA A 51 34.12 8.38 1.04
CA ALA A 51 32.68 8.54 1.24
C ALA A 51 32.02 7.29 1.80
N ILE A 52 31.02 7.49 2.65
CA ILE A 52 30.17 6.38 3.06
C ILE A 52 28.67 6.73 2.91
N ALA A 53 27.86 5.74 2.55
CA ALA A 53 26.41 5.88 2.59
C ALA A 53 25.89 5.77 4.02
N ARG A 54 24.85 6.52 4.34
CA ARG A 54 24.16 6.41 5.61
C ARG A 54 22.65 6.27 5.41
N GLY A 55 22.03 5.39 6.20
CA GLY A 55 20.58 5.21 6.13
C GLY A 55 19.88 5.89 7.28
N LEU A 56 19.15 5.10 8.06
CA LEU A 56 18.41 5.66 9.19
C LEU A 56 19.25 5.71 10.46
N GLY A 57 20.53 5.36 10.33
CA GLY A 57 21.50 5.47 11.42
C GLY A 57 21.16 4.64 12.65
N ARG A 58 20.50 3.52 12.42
CA ARG A 58 20.10 2.63 13.49
C ARG A 58 21.21 1.69 13.89
N SER A 59 22.24 1.59 13.06
CA SER A 59 23.39 0.78 13.43
C SER A 59 24.05 1.48 14.62
N TYR A 60 24.40 0.69 15.64
CA TYR A 60 25.08 1.21 16.86
C TYR A 60 26.54 1.56 16.61
N GLY A 61 27.16 0.79 15.72
CA GLY A 61 28.55 0.95 15.36
C GLY A 61 28.88 2.24 14.65
N ASP A 62 30.06 2.27 14.05
CA ASP A 62 30.57 3.46 13.39
C ASP A 62 30.71 3.24 11.90
N ASN A 63 29.92 2.31 11.37
CA ASN A 63 29.91 2.03 9.92
C ASN A 63 29.21 3.07 9.03
N ALA A 64 28.27 3.84 9.60
CA ALA A 64 27.55 4.88 8.84
C ALA A 64 28.08 6.27 9.09
N GLN A 65 29.33 6.37 9.53
CA GLN A 65 29.98 7.66 9.72
C GLN A 65 31.42 7.64 9.20
N ASN A 66 31.85 8.77 8.69
CA ASN A 66 33.17 8.85 8.07
C ASN A 66 33.84 10.17 8.45
N GLY A 67 34.48 10.19 9.62
CA GLY A 67 35.14 11.37 10.13
C GLY A 67 36.02 12.08 9.12
N GLY A 68 35.81 13.38 8.95
CA GLY A 68 36.58 14.17 8.00
C GLY A 68 36.33 13.83 6.55
N GLY A 69 35.23 13.15 6.27
CA GLY A 69 34.95 12.72 4.92
C GLY A 69 33.55 13.09 4.46
N LEU A 70 33.06 12.34 3.48
CA LEU A 70 31.71 12.56 2.98
C LEU A 70 30.79 11.47 3.52
N VAL A 71 29.64 11.89 4.05
CA VAL A 71 28.59 10.96 4.42
C VAL A 71 27.31 11.27 3.64
N ILE A 72 26.93 10.36 2.77
CA ILE A 72 25.74 10.55 1.95
C ILE A 72 24.47 9.99 2.58
N ASP A 73 23.56 10.87 2.97
CA ASP A 73 22.26 10.45 3.49
C ASP A 73 21.40 9.95 2.32
N MET A 74 20.90 8.73 2.45
CA MET A 74 20.13 8.06 1.41
C MET A 74 18.61 8.12 1.62
N THR A 75 18.19 8.53 2.82
CA THR A 75 16.77 8.60 3.11
C THR A 75 15.90 9.44 2.13
N PRO A 76 16.45 10.51 1.54
CA PRO A 76 15.66 11.21 0.51
C PRO A 76 15.26 10.32 -0.67
N LEU A 77 16.08 9.33 -1.00
CA LEU A 77 15.79 8.43 -2.11
C LEU A 77 14.84 7.32 -1.70
N ASN A 78 13.57 7.64 -1.47
CA ASN A 78 12.67 6.66 -0.86
C ASN A 78 11.49 6.34 -1.75
N THR A 79 11.73 6.29 -3.06
CA THR A 79 10.72 5.92 -4.02
C THR A 79 10.50 4.41 -4.15
N ILE A 80 9.29 3.97 -3.83
CA ILE A 80 8.81 2.64 -4.22
C ILE A 80 8.39 2.71 -5.68
N HIS A 81 9.11 1.98 -6.54
CA HIS A 81 8.83 1.99 -7.98
C HIS A 81 7.68 1.07 -8.43
N SER A 82 7.63 -0.13 -7.87
CA SER A 82 6.62 -1.10 -8.27
C SER A 82 6.52 -2.16 -7.19
N ILE A 83 5.35 -2.79 -7.12
CA ILE A 83 5.13 -4.00 -6.32
C ILE A 83 4.25 -4.88 -7.19
N ASP A 84 4.53 -6.17 -7.20
CA ASP A 84 3.81 -7.10 -8.04
C ASP A 84 3.45 -8.33 -7.22
N ALA A 85 2.17 -8.61 -7.08
CA ALA A 85 1.73 -9.73 -6.25
C ALA A 85 1.93 -11.08 -6.94
N ASP A 86 2.21 -11.06 -8.23
CA ASP A 86 2.30 -12.31 -8.97
C ASP A 86 3.71 -12.84 -8.96
N THR A 87 4.66 -11.94 -9.21
CA THR A 87 6.08 -12.25 -9.12
C THR A 87 6.64 -12.05 -7.72
N LYS A 88 5.83 -11.49 -6.84
CA LYS A 88 6.22 -11.22 -5.45
C LYS A 88 7.40 -10.28 -5.33
N LEU A 89 7.70 -9.56 -6.40
CA LEU A 89 8.83 -8.63 -6.43
C LEU A 89 8.48 -7.18 -6.09
N VAL A 90 9.28 -6.57 -5.24
CA VAL A 90 9.19 -5.13 -5.02
C VAL A 90 10.48 -4.49 -5.55
N ASP A 91 10.31 -3.39 -6.26
CA ASP A 91 11.43 -2.65 -6.82
C ASP A 91 11.48 -1.28 -6.15
N ILE A 92 12.46 -1.08 -5.27
CA ILE A 92 12.49 0.16 -4.48
C ILE A 92 13.87 0.80 -4.43
N ASP A 93 13.88 2.09 -4.17
CA ASP A 93 15.08 2.86 -3.95
C ASP A 93 15.66 2.46 -2.59
N ALA A 94 16.99 2.53 -2.47
CA ALA A 94 17.68 2.08 -1.25
C ALA A 94 17.22 2.80 0.01
N GLY A 95 16.75 4.03 -0.17
CA GLY A 95 16.33 4.87 0.92
C GLY A 95 15.02 4.47 1.58
N VAL A 96 14.22 3.63 0.93
CA VAL A 96 12.95 3.29 1.54
C VAL A 96 13.20 2.48 2.78
N ASN A 97 12.46 2.78 3.83
CA ASN A 97 12.58 2.02 5.05
C ASN A 97 11.58 0.88 5.09
N LEU A 98 11.76 -0.04 6.03
CA LEU A 98 11.00 -1.27 6.04
C LEU A 98 9.61 -1.12 6.66
N ASP A 99 9.39 -0.03 7.37
CA ASP A 99 8.06 0.24 7.87
C ASP A 99 7.23 0.67 6.67
N GLN A 100 7.74 1.66 5.96
CA GLN A 100 7.22 2.15 4.69
C GLN A 100 6.90 0.99 3.74
N LEU A 101 7.88 0.12 3.50
CA LEU A 101 7.71 -1.02 2.61
C LEU A 101 6.65 -2.00 3.10
N MET A 102 6.63 -2.24 4.40
CA MET A 102 5.67 -3.19 4.95
C MET A 102 4.25 -2.70 4.72
N LYS A 103 4.04 -1.42 4.95
CA LYS A 103 2.72 -0.84 4.83
C LYS A 103 2.22 -0.86 3.36
N ALA A 104 3.12 -0.51 2.45
CA ALA A 104 2.82 -0.50 1.04
C ALA A 104 2.56 -1.90 0.46
N ALA A 105 3.10 -2.96 1.06
CA ALA A 105 3.07 -4.26 0.40
C ALA A 105 2.02 -5.19 0.96
N LEU A 106 1.57 -4.89 2.18
CA LEU A 106 0.48 -5.66 2.80
C LEU A 106 -0.78 -5.80 1.91
N PRO A 107 -1.22 -4.70 1.26
CA PRO A 107 -2.38 -4.82 0.39
C PRO A 107 -2.16 -5.76 -0.79
N PHE A 108 -0.93 -6.15 -1.06
CA PHE A 108 -0.71 -7.11 -2.14
C PHE A 108 -0.62 -8.54 -1.62
N GLY A 109 -0.83 -8.71 -0.32
CA GLY A 109 -0.59 -9.98 0.33
C GLY A 109 0.89 -10.35 0.30
N LEU A 110 1.74 -9.34 0.40
CA LEU A 110 3.20 -9.58 0.51
C LEU A 110 3.76 -9.17 1.88
N TRP A 111 4.61 -10.02 2.43
CA TRP A 111 5.26 -9.75 3.72
C TRP A 111 6.74 -9.52 3.48
N VAL A 112 7.32 -8.55 4.19
CA VAL A 112 8.79 -8.33 4.20
C VAL A 112 9.46 -9.58 4.78
N PRO A 113 10.33 -10.19 3.97
CA PRO A 113 10.83 -11.55 4.24
C PRO A 113 11.74 -11.69 5.48
N VAL A 114 12.43 -10.61 5.86
CA VAL A 114 13.21 -10.56 7.10
C VAL A 114 12.95 -9.21 7.78
N LEU A 115 12.30 -9.22 8.94
CA LEU A 115 12.20 -7.98 9.71
C LEU A 115 13.12 -8.09 10.92
N PRO A 116 13.88 -7.02 11.22
CA PRO A 116 14.67 -6.91 12.45
C PRO A 116 13.79 -6.36 13.59
N GLY A 117 14.38 -5.94 14.69
CA GLY A 117 13.63 -5.44 15.85
C GLY A 117 12.93 -4.09 15.73
N THR A 118 13.51 -3.14 14.99
CA THR A 118 12.79 -1.95 14.53
C THR A 118 12.38 -2.16 13.08
N ARG A 119 11.49 -1.31 12.58
CA ARG A 119 11.21 -1.27 11.16
C ARG A 119 11.89 -0.02 10.62
N GLN A 120 12.46 0.78 11.52
CA GLN A 120 13.08 2.02 11.10
C GLN A 120 14.50 1.81 10.60
N VAL A 121 14.62 0.98 9.57
CA VAL A 121 15.90 0.78 8.90
C VAL A 121 15.68 0.78 7.39
N THR A 122 16.62 1.35 6.65
CA THR A 122 16.47 1.40 5.21
C THR A 122 16.83 0.07 4.54
N VAL A 123 16.45 -0.07 3.28
CA VAL A 123 16.79 -1.26 2.50
C VAL A 123 18.31 -1.34 2.32
N GLY A 124 18.93 -0.20 2.04
CA GLY A 124 20.37 -0.15 1.90
C GLY A 124 21.07 -0.66 3.16
N GLY A 125 20.64 -0.17 4.32
CA GLY A 125 21.15 -0.63 5.60
C GLY A 125 20.90 -2.11 5.88
N ALA A 126 19.75 -2.59 5.46
CA ALA A 126 19.37 -3.98 5.68
C ALA A 126 20.27 -4.91 4.89
N ILE A 127 20.67 -4.46 3.71
CA ILE A 127 21.50 -5.26 2.83
C ILE A 127 22.96 -5.18 3.30
N ALA A 128 23.40 -3.97 3.57
CA ALA A 128 24.77 -3.69 3.94
C ALA A 128 25.15 -4.32 5.28
N CYS A 129 24.22 -4.47 6.22
CA CYS A 129 24.53 -5.24 7.42
C CYS A 129 23.97 -6.65 7.37
N ASP A 130 23.43 -7.04 6.20
CA ASP A 130 22.80 -8.35 5.99
C ASP A 130 21.96 -8.80 7.19
N ILE A 131 20.97 -7.98 7.54
CA ILE A 131 20.25 -8.13 8.80
C ILE A 131 19.48 -9.42 8.94
N HIS A 132 19.21 -9.79 10.18
CA HIS A 132 18.52 -11.04 10.47
C HIS A 132 17.38 -10.67 11.38
N GLY A 133 16.54 -11.63 11.69
CA GLY A 133 15.55 -11.40 12.72
C GLY A 133 15.01 -12.68 13.32
N LYS A 134 13.80 -12.58 13.83
CA LYS A 134 13.13 -13.64 14.56
C LYS A 134 12.92 -14.88 13.69
N ASN A 135 13.12 -14.74 12.39
CA ASN A 135 12.83 -15.86 11.52
C ASN A 135 14.03 -16.35 10.74
N HIS A 136 15.22 -16.09 11.27
CA HIS A 136 16.45 -16.45 10.58
C HIS A 136 16.57 -17.93 10.26
N HIS A 137 16.17 -18.77 11.20
CA HIS A 137 16.31 -20.20 11.04
C HIS A 137 15.41 -20.77 9.94
N SER A 138 14.39 -20.01 9.52
CA SER A 138 13.51 -20.44 8.43
C SER A 138 13.71 -19.64 7.13
N ALA A 139 14.15 -18.38 7.26
CA ALA A 139 14.23 -17.48 6.09
C ALA A 139 15.62 -16.98 5.73
N GLY A 140 16.59 -17.24 6.60
CA GLY A 140 17.93 -16.70 6.45
C GLY A 140 17.91 -15.22 6.76
N SER A 141 18.84 -14.48 6.19
CA SER A 141 18.95 -13.04 6.44
C SER A 141 18.51 -12.24 5.21
N PHE A 142 18.55 -10.92 5.31
CA PHE A 142 18.12 -10.06 4.22
C PHE A 142 18.68 -10.41 2.84
N GLY A 143 20.00 -10.49 2.72
CA GLY A 143 20.61 -10.82 1.45
C GLY A 143 20.01 -12.01 0.70
N ASN A 144 19.49 -12.99 1.42
CA ASN A 144 18.89 -14.17 0.77
C ASN A 144 17.70 -13.82 -0.13
N HIS A 145 17.12 -12.64 0.05
CA HIS A 145 15.91 -12.27 -0.66
C HIS A 145 16.11 -11.15 -1.66
N VAL A 146 17.34 -10.66 -1.78
CA VAL A 146 17.65 -9.67 -2.80
C VAL A 146 17.86 -10.38 -4.14
N ARG A 147 17.04 -10.04 -5.13
CA ARG A 147 17.12 -10.65 -6.46
C ARG A 147 17.96 -9.81 -7.42
N SER A 148 18.10 -8.54 -7.10
CA SER A 148 18.98 -7.68 -7.88
C SER A 148 19.28 -6.42 -7.10
N MET A 149 20.42 -5.80 -7.40
CA MET A 149 20.66 -4.46 -6.88
C MET A 149 21.50 -3.62 -7.83
N ASP A 150 21.36 -2.32 -7.69
CA ASP A 150 22.12 -1.37 -8.49
C ASP A 150 23.13 -0.69 -7.58
N LEU A 151 24.40 -0.96 -7.82
CA LEU A 151 25.49 -0.47 -7.00
C LEU A 151 26.29 0.61 -7.72
N LEU A 152 26.27 1.81 -7.16
CA LEU A 152 27.13 2.89 -7.64
C LEU A 152 28.56 2.59 -7.20
N THR A 153 29.44 2.29 -8.16
CA THR A 153 30.82 1.95 -7.80
C THR A 153 31.73 3.18 -7.85
N ALA A 154 32.98 2.99 -7.44
CA ALA A 154 33.94 4.10 -7.35
C ALA A 154 34.21 4.79 -8.68
N ASP A 155 34.20 4.01 -9.77
CA ASP A 155 34.43 4.58 -11.10
C ASP A 155 33.23 5.36 -11.68
N GLY A 156 32.24 5.67 -10.85
CA GLY A 156 31.07 6.40 -11.29
C GLY A 156 30.04 5.56 -12.05
N GLU A 157 30.32 4.28 -12.24
CA GLU A 157 29.40 3.40 -12.94
C GLU A 157 28.36 2.77 -12.02
N ILE A 158 27.14 2.59 -12.54
CA ILE A 158 26.09 1.86 -11.84
C ILE A 158 26.08 0.40 -12.31
N ARG A 159 26.36 -0.52 -11.39
CA ARG A 159 26.42 -1.93 -11.70
C ARG A 159 25.13 -2.63 -11.30
N HIS A 160 24.55 -3.39 -12.23
CA HIS A 160 23.38 -4.20 -11.91
C HIS A 160 23.83 -5.57 -11.42
N LEU A 161 23.66 -5.83 -10.13
CA LEU A 161 24.13 -7.07 -9.53
C LEU A 161 23.01 -8.09 -9.29
N THR A 162 23.32 -9.36 -9.51
CA THR A 162 22.44 -10.46 -9.14
C THR A 162 23.20 -11.53 -8.31
N PRO A 163 22.47 -12.28 -7.48
CA PRO A 163 23.06 -13.35 -6.66
C PRO A 163 23.75 -14.47 -7.46
N THR A 164 23.28 -14.71 -8.68
CA THR A 164 23.92 -15.68 -9.57
C THR A 164 24.37 -14.98 -10.84
N GLY A 165 24.82 -15.75 -11.82
CA GLY A 165 25.40 -15.14 -13.01
C GLY A 165 26.65 -14.36 -12.64
N GLU A 166 27.22 -13.66 -13.61
CA GLU A 166 28.44 -12.90 -13.36
C GLU A 166 28.16 -11.79 -12.36
N ASP A 167 29.23 -11.23 -11.83
CA ASP A 167 29.12 -10.20 -10.79
C ASP A 167 28.50 -10.64 -9.45
N ALA A 168 28.20 -11.93 -9.34
CA ALA A 168 27.73 -12.52 -8.09
C ALA A 168 28.69 -12.24 -6.94
N GLU A 169 29.98 -12.27 -7.24
CA GLU A 169 31.02 -12.07 -6.24
C GLU A 169 30.87 -10.71 -5.58
N LEU A 170 30.73 -9.70 -6.42
CA LEU A 170 30.57 -8.34 -5.93
C LEU A 170 29.21 -8.16 -5.27
N PHE A 171 28.23 -8.95 -5.70
CA PHE A 171 26.91 -8.95 -5.08
C PHE A 171 27.03 -9.42 -3.64
N TRP A 172 27.70 -10.55 -3.47
CA TRP A 172 27.81 -11.18 -2.16
C TRP A 172 28.87 -10.55 -1.25
N ALA A 173 29.68 -9.68 -1.85
CA ALA A 173 30.62 -8.86 -1.11
C ALA A 173 29.88 -7.61 -0.63
N THR A 174 28.87 -7.18 -1.39
CA THR A 174 28.10 -6.01 -1.00
C THR A 174 27.13 -6.34 0.12
N VAL A 175 26.51 -7.53 0.04
CA VAL A 175 25.73 -8.07 1.16
C VAL A 175 26.60 -8.18 2.40
N GLY A 176 26.29 -7.40 3.43
CA GLY A 176 27.07 -7.46 4.65
C GLY A 176 28.36 -6.66 4.57
N GLY A 177 28.50 -5.90 3.50
CA GLY A 177 29.71 -5.13 3.23
C GLY A 177 29.78 -3.75 3.85
N ASN A 178 28.80 -3.41 4.68
CA ASN A 178 28.79 -2.14 5.42
C ASN A 178 29.06 -0.93 4.56
N GLY A 179 28.52 -0.94 3.34
CA GLY A 179 28.64 0.16 2.41
C GLY A 179 29.97 0.34 1.71
N LEU A 180 30.90 -0.59 1.91
CA LEU A 180 32.27 -0.42 1.42
C LEU A 180 32.57 -0.96 0.01
N THR A 181 31.52 -1.32 -0.73
CA THR A 181 31.68 -1.67 -2.15
C THR A 181 31.13 -0.52 -2.98
N GLY A 182 30.45 0.39 -2.31
CA GLY A 182 29.85 1.54 -2.94
C GLY A 182 28.43 1.75 -2.46
N ILE A 183 27.67 2.52 -3.23
CA ILE A 183 26.36 2.94 -2.81
C ILE A 183 25.24 2.19 -3.50
N ILE A 184 24.47 1.45 -2.73
CA ILE A 184 23.29 0.77 -3.27
C ILE A 184 22.22 1.83 -3.54
N MET A 185 21.74 1.89 -4.78
CA MET A 185 20.84 2.95 -5.17
C MET A 185 19.41 2.43 -5.17
N ARG A 186 19.30 1.16 -5.52
CA ARG A 186 18.02 0.59 -5.86
C ARG A 186 18.18 -0.92 -5.88
N ALA A 187 17.18 -1.62 -5.37
CA ALA A 187 17.27 -3.07 -5.30
C ALA A 187 15.92 -3.69 -5.60
N THR A 188 15.95 -4.97 -5.94
CA THR A 188 14.73 -5.74 -6.13
C THR A 188 14.71 -6.84 -5.10
N ILE A 189 13.64 -6.85 -4.30
CA ILE A 189 13.46 -7.83 -3.24
C ILE A 189 12.32 -8.79 -3.59
N GLU A 190 12.52 -10.08 -3.37
CA GLU A 190 11.42 -11.04 -3.43
C GLU A 190 10.76 -11.24 -2.06
N MET A 191 9.47 -10.90 -1.99
CA MET A 191 8.76 -10.92 -0.71
C MET A 191 8.14 -12.28 -0.35
N THR A 192 7.62 -12.34 0.86
CA THR A 192 6.97 -13.55 1.30
C THR A 192 5.46 -13.40 1.15
N PRO A 193 4.81 -14.36 0.50
CA PRO A 193 3.35 -14.26 0.36
C PRO A 193 2.69 -14.50 1.70
N THR A 194 1.66 -13.72 2.01
CA THR A 194 0.87 -13.92 3.21
C THR A 194 -0.60 -13.58 2.95
N SER A 195 -1.50 -14.26 3.65
CA SER A 195 -2.93 -13.96 3.55
C SER A 195 -3.40 -13.07 4.69
N THR A 196 -2.55 -12.86 5.70
CA THR A 196 -2.87 -11.95 6.81
C THR A 196 -1.66 -11.19 7.33
N ALA A 197 -1.93 -10.23 8.21
CA ALA A 197 -0.90 -9.44 8.88
C ALA A 197 -0.77 -9.90 10.33
N TYR A 198 -1.14 -11.16 10.56
CA TYR A 198 -1.21 -11.66 11.92
C TYR A 198 -0.39 -12.90 12.11
N PHE A 199 -0.09 -13.16 13.38
CA PHE A 199 0.74 -14.28 13.77
C PHE A 199 -0.05 -15.21 14.67
N ILE A 200 0.19 -16.51 14.51
CA ILE A 200 -0.25 -17.46 15.50
C ILE A 200 0.93 -17.88 16.38
N ALA A 201 0.83 -17.54 17.66
CA ALA A 201 1.98 -17.56 18.54
C ALA A 201 1.82 -18.55 19.70
N ASP A 202 2.82 -19.39 19.90
CA ASP A 202 2.93 -20.21 21.11
C ASP A 202 3.97 -19.59 22.02
N GLY A 203 3.74 -19.70 23.33
CA GLY A 203 4.64 -19.11 24.30
C GLY A 203 5.02 -20.14 25.34
N ASP A 204 6.31 -20.19 25.63
CA ASP A 204 6.82 -21.13 26.63
C ASP A 204 7.73 -20.42 27.59
N VAL A 205 7.88 -21.00 28.77
CA VAL A 205 8.71 -20.42 29.81
C VAL A 205 9.63 -21.50 30.38
N THR A 206 10.93 -21.23 30.43
CA THR A 206 11.88 -22.19 30.99
C THR A 206 12.36 -21.70 32.34
N ALA A 207 12.99 -22.58 33.11
CA ALA A 207 13.41 -22.26 34.48
C ALA A 207 14.93 -22.17 34.61
N SER A 208 15.65 -22.72 33.64
CA SER A 208 17.11 -22.74 33.68
C SER A 208 17.65 -22.60 32.28
N LEU A 209 18.92 -22.23 32.17
CA LEU A 209 19.61 -22.20 30.89
C LEU A 209 19.59 -23.57 30.20
N ASP A 210 19.79 -24.62 30.99
CA ASP A 210 19.88 -25.96 30.43
C ASP A 210 18.56 -26.31 29.80
N GLU A 211 17.49 -25.79 30.39
CA GLU A 211 16.14 -25.99 29.90
C GLU A 211 15.90 -25.29 28.55
N THR A 212 16.21 -23.99 28.52
CA THR A 212 16.23 -23.19 27.30
C THR A 212 16.91 -23.91 26.13
N ILE A 213 18.12 -24.38 26.36
CA ILE A 213 18.89 -25.03 25.33
C ILE A 213 18.22 -26.31 24.89
N ALA A 214 17.67 -27.05 25.86
CA ALA A 214 16.95 -28.29 25.57
C ALA A 214 15.74 -28.03 24.69
N LEU A 215 15.01 -26.97 25.03
CA LEU A 215 13.86 -26.51 24.24
C LEU A 215 14.22 -26.16 22.80
N HIS A 216 15.46 -25.74 22.58
CA HIS A 216 15.87 -25.32 21.24
C HIS A 216 16.57 -26.42 20.46
N SER A 217 16.67 -27.61 21.05
CA SER A 217 17.29 -28.74 20.35
C SER A 217 16.42 -29.99 20.39
N ASP A 218 15.18 -29.84 20.83
CA ASP A 218 14.24 -30.97 20.90
C ASP A 218 13.49 -31.19 19.59
N GLY A 219 13.73 -30.30 18.63
CA GLY A 219 13.09 -30.39 17.33
C GLY A 219 11.90 -29.46 17.16
N SER A 220 11.36 -28.97 18.28
CA SER A 220 10.17 -28.11 18.27
C SER A 220 10.38 -26.85 17.43
N GLU A 221 11.63 -26.46 17.31
CA GLU A 221 12.01 -25.28 16.57
C GLU A 221 11.59 -25.37 15.09
N ALA A 222 11.50 -26.60 14.59
CA ALA A 222 11.13 -26.82 13.19
C ALA A 222 9.65 -26.55 12.88
N ARG A 223 8.82 -26.47 13.92
CA ARG A 223 7.38 -26.25 13.75
C ARG A 223 7.07 -24.76 13.60
N TYR A 224 8.02 -23.91 13.97
CA TYR A 224 7.80 -22.48 13.91
C TYR A 224 8.71 -21.80 12.91
N THR A 225 8.19 -20.78 12.21
CA THR A 225 9.02 -19.99 11.28
C THR A 225 9.68 -18.82 11.99
N TYR A 226 9.07 -18.36 13.07
CA TYR A 226 9.57 -17.23 13.84
C TYR A 226 9.81 -17.73 15.26
N SER A 227 10.97 -17.38 15.83
CA SER A 227 11.29 -17.80 17.18
C SER A 227 12.41 -16.97 17.82
N SER A 228 12.18 -16.54 19.05
CA SER A 228 13.18 -15.82 19.83
C SER A 228 12.79 -15.86 21.30
N ALA A 229 13.66 -15.36 22.17
CA ALA A 229 13.36 -15.40 23.60
C ALA A 229 14.04 -14.28 24.39
N TRP A 230 13.36 -13.82 25.43
CA TRP A 230 13.99 -12.98 26.44
C TRP A 230 14.53 -13.90 27.52
N PHE A 231 15.77 -13.69 27.94
CA PHE A 231 16.32 -14.61 28.94
C PHE A 231 17.12 -13.91 30.06
N ASP A 232 17.13 -14.54 31.23
CA ASP A 232 17.73 -13.98 32.45
C ASP A 232 19.27 -14.08 32.42
N ALA A 233 19.93 -12.93 32.41
CA ALA A 233 21.39 -12.90 32.45
C ALA A 233 21.93 -12.39 33.79
N ILE A 234 21.06 -12.26 34.77
CA ILE A 234 21.43 -11.73 36.08
C ILE A 234 21.32 -12.74 37.21
N SER A 235 20.23 -13.50 37.26
CA SER A 235 20.06 -14.54 38.28
C SER A 235 21.24 -15.52 38.29
N ALA A 236 21.68 -15.89 39.49
CA ALA A 236 22.70 -16.91 39.62
C ALA A 236 22.13 -18.26 39.23
N PRO A 237 22.98 -19.20 38.82
CA PRO A 237 22.54 -20.56 38.49
C PRO A 237 21.73 -21.17 39.63
N PRO A 238 20.76 -22.03 39.30
CA PRO A 238 20.47 -22.50 37.95
C PRO A 238 19.32 -21.73 37.33
N LYS A 239 18.91 -20.65 38.00
CA LYS A 239 17.91 -19.75 37.48
C LYS A 239 18.47 -18.98 36.29
N LEU A 240 19.80 -18.85 36.26
CA LEU A 240 20.48 -18.19 35.15
C LEU A 240 20.16 -18.87 33.82
N GLY A 241 19.67 -18.08 32.87
CA GLY A 241 19.43 -18.56 31.53
C GLY A 241 18.00 -19.04 31.28
N ARG A 242 17.13 -18.85 32.27
CA ARG A 242 15.73 -19.18 32.10
C ARG A 242 15.21 -18.15 31.14
N ALA A 243 14.17 -18.49 30.39
CA ALA A 243 13.74 -17.65 29.29
C ALA A 243 12.23 -17.64 29.07
N ALA A 244 11.72 -16.50 28.63
CA ALA A 244 10.39 -16.43 28.03
C ALA A 244 10.52 -16.56 26.51
N VAL A 245 10.15 -17.73 26.00
CA VAL A 245 10.21 -18.02 24.56
C VAL A 245 8.91 -17.68 23.81
N SER A 246 9.06 -16.96 22.70
CA SER A 246 7.93 -16.58 21.85
C SER A 246 8.12 -17.13 20.45
N ARG A 247 7.32 -18.13 20.08
CA ARG A 247 7.48 -18.75 18.77
C ARG A 247 6.17 -18.75 18.02
N GLY A 248 6.25 -18.67 16.70
CA GLY A 248 5.02 -18.68 15.92
C GLY A 248 5.21 -18.68 14.43
N ARG A 249 4.12 -18.46 13.72
CA ARG A 249 4.17 -18.29 12.28
C ARG A 249 3.02 -17.40 11.81
N LEU A 250 3.10 -16.94 10.57
CA LEU A 250 2.05 -16.09 10.00
C LEU A 250 0.73 -16.85 9.91
N ALA A 251 -0.34 -16.18 10.29
CA ALA A 251 -1.65 -16.80 10.31
C ALA A 251 -2.32 -16.75 8.94
N THR A 252 -3.14 -17.75 8.65
CA THR A 252 -4.03 -17.72 7.49
C THR A 252 -5.35 -17.03 7.89
N VAL A 253 -6.13 -16.69 6.89
CA VAL A 253 -7.44 -16.10 7.09
C VAL A 253 -8.36 -17.02 7.89
N GLU A 254 -8.32 -18.31 7.59
CA GLU A 254 -9.16 -19.29 8.26
C GLU A 254 -8.87 -19.42 9.78
N GLN A 255 -7.75 -18.87 10.24
CA GLN A 255 -7.35 -19.00 11.63
C GLN A 255 -7.61 -17.73 12.41
N LEU A 256 -8.12 -16.73 11.71
CA LEU A 256 -8.45 -15.46 12.34
C LEU A 256 -9.84 -15.50 12.93
N PRO A 257 -10.03 -14.82 14.07
CA PRO A 257 -11.38 -14.61 14.60
C PRO A 257 -12.20 -13.76 13.63
N ALA A 258 -13.48 -14.09 13.47
CA ALA A 258 -14.34 -13.45 12.46
C ALA A 258 -14.30 -11.92 12.40
N LYS A 259 -14.14 -11.29 13.56
CA LYS A 259 -14.01 -9.84 13.66
C LYS A 259 -12.91 -9.33 12.74
N LEU A 260 -11.87 -10.14 12.57
CA LEU A 260 -10.67 -9.75 11.83
C LEU A 260 -10.63 -10.27 10.40
N ARG A 261 -11.44 -11.30 10.14
CA ARG A 261 -11.45 -11.95 8.84
C ARG A 261 -11.89 -11.05 7.68
N SER A 262 -12.57 -9.96 8.02
CA SER A 262 -13.05 -8.99 7.04
C SER A 262 -11.89 -8.25 6.33
N GLU A 263 -10.99 -7.67 7.12
CA GLU A 263 -9.74 -7.13 6.59
C GLU A 263 -8.53 -7.80 7.26
N PRO A 264 -8.13 -8.95 6.71
CA PRO A 264 -7.05 -9.75 7.34
C PRO A 264 -5.66 -9.13 7.24
N LEU A 265 -5.48 -8.16 6.34
CA LEU A 265 -4.15 -7.59 6.07
C LEU A 265 -4.02 -6.17 6.62
N LYS A 266 -4.98 -5.76 7.44
CA LYS A 266 -4.94 -4.47 8.13
C LYS A 266 -3.77 -4.38 9.10
N PHE A 267 -3.05 -3.26 9.04
CA PHE A 267 -2.10 -2.92 10.08
C PHE A 267 -2.34 -1.53 10.67
N ASP A 268 -2.47 -1.47 12.00
CA ASP A 268 -2.69 -0.23 12.72
C ASP A 268 -2.73 -0.60 14.19
N ALA A 284 5.65 -3.22 39.13
CA ALA A 284 6.20 -4.13 40.13
C ALA A 284 5.59 -3.93 41.53
N ASN A 285 4.73 -4.86 41.93
CA ASN A 285 4.20 -4.87 43.29
C ASN A 285 4.94 -5.87 44.18
N LYS A 286 4.43 -6.05 45.40
CA LYS A 286 5.11 -6.84 46.43
C LYS A 286 5.31 -8.31 46.07
N TYR A 287 4.47 -8.79 45.16
CA TYR A 287 4.46 -10.18 44.73
C TYR A 287 5.54 -10.43 43.71
N THR A 288 5.96 -9.37 43.04
CA THR A 288 6.68 -9.49 41.77
C THR A 288 7.94 -10.33 41.82
N PHE A 289 8.63 -10.34 42.96
CA PHE A 289 9.88 -11.08 42.99
C PHE A 289 9.73 -12.33 43.86
N GLY A 290 8.50 -12.54 44.33
CA GLY A 290 8.17 -13.77 45.04
C GLY A 290 7.57 -14.87 44.19
N PRO A 291 7.17 -15.96 44.86
CA PRO A 291 6.65 -17.19 44.28
C PRO A 291 5.35 -17.03 43.50
N ILE A 292 4.49 -16.12 43.97
CA ILE A 292 3.25 -15.80 43.29
C ILE A 292 3.50 -15.18 41.92
N GLY A 293 4.62 -14.48 41.80
CA GLY A 293 4.92 -13.80 40.55
C GLY A 293 5.58 -14.71 39.57
N GLU A 294 6.36 -15.66 40.09
CA GLU A 294 6.94 -16.67 39.23
C GLU A 294 5.78 -17.41 38.55
N LEU A 295 4.75 -17.77 39.32
CA LEU A 295 3.53 -18.35 38.75
C LEU A 295 2.86 -17.39 37.79
N TRP A 296 2.87 -16.10 38.13
CA TRP A 296 2.29 -15.13 37.23
C TRP A 296 3.04 -15.13 35.91
N TYR A 297 4.33 -14.79 35.98
CA TYR A 297 5.17 -14.72 34.78
C TYR A 297 5.12 -16.05 33.99
N ARG A 298 5.12 -17.18 34.69
CA ARG A 298 5.00 -18.48 34.04
C ARG A 298 3.64 -18.69 33.32
N LYS A 299 2.54 -18.52 34.04
CA LYS A 299 1.21 -18.70 33.42
C LYS A 299 1.01 -17.68 32.31
N SER A 300 1.34 -16.43 32.59
CA SER A 300 1.20 -15.37 31.61
C SER A 300 2.09 -15.56 30.36
N GLY A 301 3.25 -16.19 30.52
CA GLY A 301 4.13 -16.40 29.39
C GLY A 301 3.94 -17.74 28.72
N THR A 302 2.98 -18.53 29.18
CA THR A 302 2.67 -19.85 28.58
C THR A 302 1.35 -19.88 27.81
N TYR A 303 1.40 -20.03 26.50
CA TYR A 303 0.17 -20.06 25.72
C TYR A 303 0.29 -20.87 24.44
N ARG A 304 -0.85 -21.09 23.80
CA ARG A 304 -0.93 -21.90 22.58
C ARG A 304 -1.95 -21.33 21.57
N GLY A 305 -1.50 -21.19 20.33
CA GLY A 305 -2.33 -20.63 19.28
C GLY A 305 -2.93 -19.26 19.53
N LYS A 306 -2.16 -18.37 20.16
CA LYS A 306 -2.65 -17.01 20.39
C LYS A 306 -2.49 -16.19 19.11
N VAL A 307 -3.50 -15.41 18.79
CA VAL A 307 -3.47 -14.57 17.61
C VAL A 307 -2.90 -13.22 17.96
N GLN A 308 -1.80 -12.85 17.30
CA GLN A 308 -1.20 -11.55 17.55
C GLN A 308 -0.80 -10.86 16.25
N ASN A 309 -0.85 -9.53 16.27
CA ASN A 309 -0.41 -8.74 15.13
C ASN A 309 1.07 -8.52 15.30
N LEU A 310 1.71 -7.88 14.33
CA LEU A 310 3.14 -7.67 14.34
C LEU A 310 3.60 -7.03 15.64
N THR A 311 2.93 -5.96 16.05
CA THR A 311 3.28 -5.28 17.29
C THR A 311 3.27 -6.18 18.54
N GLN A 312 2.23 -6.99 18.71
CA GLN A 312 2.17 -7.87 19.88
C GLN A 312 3.24 -8.95 19.85
N PHE A 313 3.48 -9.50 18.66
CA PHE A 313 4.33 -10.67 18.52
C PHE A 313 5.82 -10.33 18.45
N TYR A 314 6.14 -9.14 17.94
CA TYR A 314 7.50 -8.86 17.46
C TYR A 314 8.03 -7.46 17.82
N HIS A 315 7.21 -6.44 17.62
CA HIS A 315 7.64 -5.06 17.82
C HIS A 315 6.90 -4.37 18.97
N PRO A 316 7.26 -4.67 20.24
CA PRO A 316 6.64 -3.90 21.33
C PRO A 316 7.27 -2.51 21.49
N GLY A 331 24.70 5.80 27.16
CA GLY A 331 24.65 5.34 28.53
C GLY A 331 24.73 3.83 28.64
N PHE A 332 24.56 3.14 27.52
CA PHE A 332 24.57 1.67 27.46
C PHE A 332 25.49 1.15 26.37
N LEU A 333 25.89 -0.09 26.50
CA LEU A 333 26.72 -0.73 25.49
C LEU A 333 26.02 -2.00 25.00
N GLN A 334 25.67 -2.01 23.71
CA GLN A 334 24.97 -3.14 23.12
C GLN A 334 26.03 -4.06 22.56
N TYR A 335 25.88 -5.35 22.84
CA TYR A 335 26.91 -6.32 22.51
C TYR A 335 26.23 -7.57 22.04
N GLN A 336 26.64 -8.08 20.90
CA GLN A 336 25.99 -9.23 20.30
C GLN A 336 27.00 -10.19 19.65
N PHE A 337 26.81 -11.47 19.92
CA PHE A 337 27.66 -12.49 19.34
C PHE A 337 26.87 -13.75 19.06
N VAL A 338 27.44 -14.65 18.26
CA VAL A 338 26.89 -15.97 18.06
C VAL A 338 27.97 -17.04 18.23
N ILE A 339 27.62 -18.13 18.89
CA ILE A 339 28.49 -19.28 19.10
C ILE A 339 27.99 -20.47 18.30
N PRO A 340 28.88 -21.09 17.50
CA PRO A 340 28.47 -22.23 16.66
C PRO A 340 27.65 -23.24 17.44
N THR A 341 26.69 -23.88 16.77
CA THR A 341 25.72 -24.74 17.43
C THR A 341 26.32 -25.86 18.27
N GLU A 342 27.35 -26.51 17.75
CA GLU A 342 28.03 -27.61 18.47
C GLU A 342 28.68 -27.16 19.79
N ALA A 343 29.25 -25.97 19.80
CA ALA A 343 29.97 -25.47 20.97
C ALA A 343 29.02 -25.00 22.05
N VAL A 344 28.06 -25.85 22.40
CA VAL A 344 27.01 -25.46 23.34
C VAL A 344 27.52 -25.29 24.77
N ASP A 345 28.41 -26.19 25.21
CA ASP A 345 29.01 -26.08 26.55
C ASP A 345 29.80 -24.79 26.74
N GLU A 346 30.45 -24.36 25.67
CA GLU A 346 31.17 -23.10 25.65
C GLU A 346 30.19 -21.93 25.75
N PHE A 347 29.08 -22.05 25.04
CA PHE A 347 28.03 -21.05 25.10
C PHE A 347 27.53 -20.86 26.54
N LYS A 348 27.32 -21.98 27.23
CA LYS A 348 26.86 -21.94 28.61
C LYS A 348 27.90 -21.28 29.48
N LYS A 349 29.18 -21.56 29.19
CA LYS A 349 30.26 -21.00 29.96
C LYS A 349 30.28 -19.48 29.85
N ILE A 350 30.11 -18.97 28.62
CA ILE A 350 30.10 -17.53 28.40
C ILE A 350 28.96 -16.84 29.15
N ILE A 351 27.79 -17.48 29.19
CA ILE A 351 26.68 -16.92 29.94
C ILE A 351 26.99 -16.81 31.43
N GLY A 352 27.56 -17.88 31.99
CA GLY A 352 28.00 -17.87 33.37
C GLY A 352 29.02 -16.77 33.66
N VAL A 353 29.93 -16.56 32.72
CA VAL A 353 30.92 -15.51 32.83
C VAL A 353 30.23 -14.15 32.94
N ILE A 354 29.27 -13.92 32.05
CA ILE A 354 28.50 -12.68 32.04
C ILE A 354 27.77 -12.40 33.34
N GLN A 355 27.07 -13.40 33.88
CA GLN A 355 26.29 -13.21 35.10
C GLN A 355 27.20 -12.84 36.29
N ALA A 356 28.31 -13.57 36.41
CA ALA A 356 29.27 -13.43 37.51
C ALA A 356 30.15 -12.18 37.40
N SER A 357 30.10 -11.52 36.25
CA SER A 357 30.96 -10.40 35.95
C SER A 357 30.62 -9.11 36.67
N GLY A 358 29.48 -9.05 37.34
CA GLY A 358 29.06 -7.83 38.00
C GLY A 358 28.45 -6.85 37.02
N HIS A 359 28.32 -7.28 35.78
CA HIS A 359 27.72 -6.46 34.74
C HIS A 359 26.33 -6.98 34.40
N TYR A 360 25.33 -6.18 34.74
CA TYR A 360 23.94 -6.60 34.70
C TYR A 360 23.21 -6.13 33.43
N SER A 361 22.65 -7.08 32.70
CA SER A 361 21.86 -6.75 31.53
C SER A 361 20.42 -7.27 31.71
N PHE A 362 19.44 -6.39 31.50
CA PHE A 362 18.04 -6.80 31.62
C PHE A 362 17.46 -7.16 30.24
N LEU A 363 17.77 -6.34 29.24
CA LEU A 363 17.24 -6.55 27.89
C LEU A 363 18.11 -7.53 27.12
N ASN A 364 17.71 -8.80 27.11
CA ASN A 364 18.53 -9.85 26.54
C ASN A 364 17.78 -10.68 25.52
N VAL A 365 18.31 -10.76 24.31
CA VAL A 365 17.64 -11.54 23.28
C VAL A 365 18.41 -12.80 22.89
N PHE A 366 17.76 -13.93 23.08
CA PHE A 366 18.30 -15.24 22.70
C PHE A 366 17.61 -15.79 21.46
N LYS A 367 18.40 -16.30 20.53
CA LYS A 367 17.85 -16.97 19.37
C LYS A 367 18.85 -17.96 18.77
N LEU A 368 18.33 -19.08 18.28
CA LEU A 368 19.12 -20.02 17.50
C LEU A 368 19.07 -19.69 15.99
N PHE A 369 20.21 -19.29 15.42
CA PHE A 369 20.33 -19.03 13.99
C PHE A 369 20.28 -20.34 13.20
N GLY A 370 19.85 -20.24 11.93
CA GLY A 370 19.88 -21.37 11.02
C GLY A 370 21.08 -21.27 10.08
N PRO A 371 21.03 -21.98 8.94
CA PRO A 371 22.11 -21.97 7.94
C PRO A 371 22.52 -20.57 7.52
N ARG A 372 23.79 -20.42 7.14
CA ARG A 372 24.34 -19.13 6.75
C ARG A 372 24.32 -19.00 5.23
N ASN A 373 24.70 -17.83 4.72
CA ASN A 373 24.68 -17.59 3.27
C ASN A 373 26.10 -17.38 2.73
N GLN A 374 26.22 -17.07 1.45
CA GLN A 374 27.53 -17.00 0.84
C GLN A 374 28.29 -15.68 1.01
N ALA A 375 27.70 -14.70 1.70
CA ALA A 375 28.39 -13.41 1.90
C ALA A 375 29.56 -13.57 2.87
N PRO A 376 30.79 -13.25 2.44
CA PRO A 376 31.98 -13.40 3.28
C PRO A 376 31.84 -12.74 4.66
N LEU A 377 31.40 -11.49 4.69
CA LEU A 377 31.25 -10.74 5.95
C LEU A 377 29.87 -10.81 6.59
N SER A 378 29.09 -11.82 6.25
CA SER A 378 27.78 -12.00 6.87
C SER A 378 27.97 -12.39 8.33
N PHE A 379 27.25 -11.71 9.21
CA PHE A 379 27.27 -12.06 10.63
C PHE A 379 26.71 -13.44 10.98
N PRO A 380 25.46 -13.74 10.58
CA PRO A 380 24.85 -14.97 11.11
C PRO A 380 25.47 -16.27 10.64
N ILE A 381 25.68 -17.18 11.60
CA ILE A 381 26.00 -18.57 11.35
C ILE A 381 25.14 -19.45 12.25
N PRO A 382 24.93 -20.72 11.86
CA PRO A 382 24.11 -21.56 12.73
C PRO A 382 24.65 -21.65 14.17
N GLY A 383 23.80 -21.35 15.14
CA GLY A 383 24.21 -21.44 16.53
C GLY A 383 23.55 -20.44 17.44
N TRP A 384 24.13 -20.30 18.65
CA TRP A 384 23.51 -19.57 19.74
C TRP A 384 23.83 -18.10 19.61
N ASN A 385 22.80 -17.33 19.31
CA ASN A 385 22.98 -15.89 19.15
C ASN A 385 22.35 -15.20 20.33
N ILE A 386 23.03 -14.19 20.84
CA ILE A 386 22.51 -13.48 21.98
C ILE A 386 22.89 -12.02 21.94
N CYS A 387 22.02 -11.18 22.46
CA CYS A 387 22.19 -9.74 22.42
C CYS A 387 22.05 -9.21 23.84
N VAL A 388 23.10 -8.61 24.38
CA VAL A 388 23.04 -8.06 25.73
C VAL A 388 23.20 -6.55 25.70
N ASP A 389 22.79 -5.92 26.78
CA ASP A 389 22.78 -4.47 26.87
C ASP A 389 23.39 -4.07 28.21
N PHE A 390 24.61 -3.53 28.18
CA PHE A 390 25.36 -3.29 29.41
C PHE A 390 25.38 -1.83 29.77
N PRO A 391 25.00 -1.52 31.02
CA PRO A 391 25.15 -0.11 31.40
C PRO A 391 26.62 0.24 31.47
N ILE A 392 26.96 1.41 30.96
CA ILE A 392 28.34 1.83 30.94
C ILE A 392 28.86 2.17 32.35
N LYS A 393 29.76 1.34 32.86
CA LYS A 393 30.39 1.54 34.16
C LYS A 393 31.85 1.05 34.19
N ASP A 394 32.51 1.18 35.33
CA ASP A 394 33.95 0.91 35.42
C ASP A 394 34.36 -0.52 35.09
N GLY A 395 35.36 -0.65 34.22
CA GLY A 395 35.87 -1.94 33.81
C GLY A 395 34.96 -2.72 32.88
N LEU A 396 34.03 -2.03 32.22
CA LEU A 396 33.15 -2.71 31.29
C LEU A 396 33.93 -2.93 30.01
N GLY A 397 34.65 -1.91 29.58
CA GLY A 397 35.42 -1.96 28.35
C GLY A 397 36.42 -3.09 28.38
N LYS A 398 37.03 -3.27 29.54
CA LYS A 398 38.02 -4.32 29.71
C LYS A 398 37.34 -5.67 29.74
N PHE A 399 36.14 -5.72 30.32
CA PHE A 399 35.43 -6.98 30.43
C PHE A 399 34.96 -7.51 29.07
N VAL A 400 34.46 -6.61 28.22
CA VAL A 400 33.95 -7.04 26.91
C VAL A 400 35.10 -7.55 26.04
N SER A 401 36.25 -6.89 26.16
CA SER A 401 37.46 -7.38 25.48
C SER A 401 37.76 -8.83 25.85
N GLU A 402 37.50 -9.19 27.11
CA GLU A 402 37.65 -10.56 27.57
C GLU A 402 36.64 -11.44 26.86
N LEU A 403 35.40 -10.95 26.78
CA LEU A 403 34.31 -11.65 26.14
C LEU A 403 34.67 -11.92 24.70
N ASP A 404 35.23 -10.89 24.03
CA ASP A 404 35.66 -11.05 22.65
C ASP A 404 36.50 -12.29 22.51
N ARG A 405 37.54 -12.38 23.34
CA ARG A 405 38.47 -13.49 23.28
C ARG A 405 37.78 -14.82 23.45
N ARG A 406 36.81 -14.90 24.36
CA ARG A 406 36.09 -16.16 24.56
C ARG A 406 35.27 -16.48 23.30
N VAL A 407 34.52 -15.50 22.81
CA VAL A 407 33.70 -15.64 21.62
C VAL A 407 34.57 -16.09 20.47
N LEU A 408 35.72 -15.44 20.34
CA LEU A 408 36.70 -15.79 19.31
C LEU A 408 37.21 -17.21 19.49
N GLU A 409 37.65 -17.51 20.70
CA GLU A 409 38.17 -18.82 21.10
C GLU A 409 37.18 -19.92 20.68
N PHE A 410 35.90 -19.63 20.87
CA PHE A 410 34.86 -20.61 20.65
C PHE A 410 34.27 -20.61 19.23
N GLY A 411 34.87 -19.88 18.30
CA GLY A 411 34.55 -20.01 16.89
C GLY A 411 33.45 -19.07 16.44
N GLY A 412 33.02 -18.21 17.36
CA GLY A 412 31.94 -17.28 17.12
C GLY A 412 32.41 -15.92 16.62
N ARG A 413 31.51 -14.94 16.63
CA ARG A 413 31.86 -13.60 16.15
C ARG A 413 30.93 -12.53 16.70
N LEU A 414 31.36 -11.28 16.55
CA LEU A 414 30.57 -10.12 16.92
C LEU A 414 29.90 -9.60 15.67
N TYR A 415 28.91 -8.74 15.86
CA TYR A 415 28.11 -8.18 14.77
C TYR A 415 28.49 -6.72 14.62
N THR A 416 28.89 -6.31 13.42
CA THR A 416 29.39 -4.95 13.19
C THR A 416 28.33 -3.86 13.40
N ALA A 417 27.08 -4.23 13.18
CA ALA A 417 25.98 -3.28 13.34
C ALA A 417 25.73 -2.98 14.81
N LYS A 418 26.32 -3.77 15.70
CA LYS A 418 26.22 -3.52 17.14
C LYS A 418 27.55 -3.07 17.78
N ASP A 419 28.65 -3.14 17.05
CA ASP A 419 29.98 -2.96 17.65
C ASP A 419 30.77 -1.72 17.27
N SER A 420 31.37 -1.09 18.27
CA SER A 420 32.24 0.06 18.03
C SER A 420 33.65 -0.07 18.64
N ARG A 421 33.85 -1.03 19.55
CA ARG A 421 35.12 -1.09 20.27
C ARG A 421 36.14 -2.18 19.92
N THR A 422 35.70 -3.28 19.29
CA THR A 422 36.60 -4.39 18.97
C THR A 422 37.79 -4.03 18.06
N THR A 423 38.84 -4.85 18.11
CA THR A 423 40.05 -4.60 17.32
C THR A 423 40.07 -5.36 15.99
N ALA A 424 40.74 -4.79 15.00
CA ALA A 424 40.99 -5.43 13.71
C ALA A 424 41.39 -6.90 13.87
N GLU A 425 42.26 -7.17 14.85
CA GLU A 425 42.68 -8.51 15.25
C GLU A 425 41.59 -9.51 15.37
N THR A 426 40.74 -9.24 16.34
CA THR A 426 39.65 -10.11 16.71
C THR A 426 38.70 -10.25 15.52
N PHE A 427 38.42 -9.13 14.87
CA PHE A 427 37.49 -9.17 13.76
C PHE A 427 37.98 -10.06 12.61
N HIS A 428 39.25 -9.92 12.24
CA HIS A 428 39.78 -10.67 11.12
C HIS A 428 39.85 -12.16 11.44
N ALA A 429 39.98 -12.46 12.72
CA ALA A 429 40.01 -13.85 13.12
C ALA A 429 38.59 -14.43 13.20
N MET A 430 37.64 -13.60 13.60
CA MET A 430 36.24 -13.99 13.64
C MET A 430 35.66 -14.25 12.26
N TYR A 431 36.15 -13.53 11.26
CA TYR A 431 35.67 -13.64 9.89
C TYR A 431 36.77 -14.09 8.94
N PRO A 432 37.09 -15.40 8.95
CA PRO A 432 38.21 -15.93 8.15
C PRO A 432 38.14 -15.67 6.63
N ARG A 433 36.98 -15.29 6.11
CA ARG A 433 36.87 -14.96 4.70
C ARG A 433 37.08 -13.46 4.44
N VAL A 434 37.46 -12.73 5.47
CA VAL A 434 37.73 -11.29 5.35
C VAL A 434 38.78 -10.96 4.26
N ASP A 435 39.75 -11.86 4.09
CA ASP A 435 40.77 -11.67 3.07
C ASP A 435 40.17 -11.77 1.68
N GLU A 436 39.34 -12.79 1.50
CA GLU A 436 38.61 -13.01 0.27
C GLU A 436 37.77 -11.77 -0.03
N TRP A 437 37.09 -11.29 1.00
CA TRP A 437 36.24 -10.13 0.87
C TRP A 437 37.00 -8.90 0.41
N ILE A 438 38.12 -8.65 1.08
CA ILE A 438 38.97 -7.49 0.83
C ILE A 438 39.44 -7.44 -0.62
N SER A 439 39.79 -8.61 -1.17
CA SER A 439 40.34 -8.68 -2.51
C SER A 439 39.29 -8.23 -3.51
N VAL A 440 38.03 -8.59 -3.25
CA VAL A 440 36.91 -8.14 -4.05
C VAL A 440 36.75 -6.64 -3.91
N ARG A 441 36.87 -6.15 -2.68
CA ARG A 441 36.72 -4.72 -2.43
C ARG A 441 37.79 -3.90 -3.13
N ARG A 442 39.02 -4.40 -3.15
CA ARG A 442 40.11 -3.68 -3.79
C ARG A 442 40.02 -3.75 -5.30
N LYS A 443 39.37 -4.81 -5.78
CA LYS A 443 39.12 -4.97 -7.20
C LYS A 443 38.13 -3.90 -7.68
N VAL A 444 37.16 -3.54 -6.83
CA VAL A 444 36.11 -2.62 -7.22
C VAL A 444 36.33 -1.18 -6.74
N ASP A 445 37.20 -1.01 -5.76
CA ASP A 445 37.57 0.32 -5.31
C ASP A 445 39.07 0.39 -4.99
N PRO A 446 39.90 0.54 -6.03
CA PRO A 446 41.36 0.52 -5.85
C PRO A 446 41.86 1.74 -5.09
N LEU A 447 41.22 2.88 -5.32
CA LEU A 447 41.66 4.15 -4.74
C LEU A 447 41.02 4.49 -3.40
N ARG A 448 40.34 3.51 -2.80
CA ARG A 448 39.70 3.69 -1.49
C ARG A 448 38.77 4.90 -1.48
N VAL A 449 37.95 5.00 -2.53
CA VAL A 449 36.97 6.06 -2.68
C VAL A 449 35.89 5.97 -1.60
N PHE A 450 35.52 4.74 -1.24
CA PHE A 450 34.57 4.51 -0.13
C PHE A 450 35.27 4.13 1.17
N ALA A 451 34.89 4.80 2.25
CA ALA A 451 35.59 4.66 3.50
C ALA A 451 34.76 5.14 4.68
N SER A 452 35.05 4.59 5.86
CA SER A 452 34.37 4.97 7.09
C SER A 452 35.25 4.76 8.31
N ASP A 453 34.76 5.21 9.45
CA ASP A 453 35.43 5.01 10.72
C ASP A 453 35.69 3.54 10.96
N MET A 454 34.64 2.74 10.80
CA MET A 454 34.75 1.30 10.99
C MET A 454 35.80 0.66 10.08
N ALA A 455 35.78 1.02 8.81
CA ALA A 455 36.73 0.48 7.84
C ALA A 455 38.18 0.68 8.31
N ARG A 456 38.47 1.89 8.79
CA ARG A 456 39.80 2.21 9.27
C ARG A 456 40.12 1.43 10.55
N ARG A 457 39.18 1.42 11.49
CA ARG A 457 39.34 0.67 12.74
C ARG A 457 39.54 -0.82 12.52
N LEU A 458 38.70 -1.44 11.69
CA LEU A 458 38.79 -2.88 11.46
C LEU A 458 39.72 -3.27 10.32
N GLU A 459 40.36 -2.26 9.71
CA GLU A 459 41.28 -2.48 8.61
C GLU A 459 40.64 -3.28 7.50
N LEU A 460 39.57 -2.73 6.95
CA LEU A 460 38.82 -3.33 5.86
C LEU A 460 38.99 -2.42 4.64
N LEU A 461 39.58 -1.27 4.89
CA LEU A 461 39.92 -0.32 3.84
C LEU A 461 40.83 -0.96 2.79
N THR B 7 -22.94 -24.29 -5.81
CA THR B 7 -22.69 -23.26 -6.80
C THR B 7 -23.43 -21.97 -6.49
N THR B 8 -24.65 -21.84 -7.00
CA THR B 8 -25.42 -20.61 -6.89
C THR B 8 -26.38 -20.59 -5.69
N THR B 9 -26.83 -19.39 -5.32
CA THR B 9 -27.75 -19.21 -4.20
C THR B 9 -28.82 -18.22 -4.59
N ALA B 10 -30.06 -18.67 -4.65
CA ALA B 10 -31.19 -17.80 -4.99
C ALA B 10 -31.37 -16.70 -3.95
N THR B 11 -31.27 -15.45 -4.39
CA THR B 11 -31.34 -14.29 -3.48
C THR B 11 -32.27 -13.22 -4.06
N ARG B 12 -32.94 -12.48 -3.18
CA ARG B 12 -33.73 -11.33 -3.61
C ARG B 12 -32.82 -10.10 -3.65
N LEU B 13 -32.64 -9.57 -4.85
CA LEU B 13 -31.73 -8.45 -5.08
C LEU B 13 -32.47 -7.17 -5.40
N THR B 14 -31.96 -6.05 -4.91
CA THR B 14 -32.42 -4.73 -5.32
C THR B 14 -31.20 -3.87 -5.69
N GLY B 15 -31.44 -2.60 -5.99
CA GLY B 15 -30.36 -1.63 -6.15
C GLY B 15 -30.16 -0.99 -4.79
N TRP B 16 -29.42 0.13 -4.75
CA TRP B 16 -29.21 0.85 -3.50
C TRP B 16 -30.50 1.53 -3.04
N GLY B 17 -31.39 1.80 -4.00
CA GLY B 17 -32.66 2.44 -3.71
C GLY B 17 -33.56 1.51 -2.94
N ARG B 18 -33.13 0.26 -2.82
CA ARG B 18 -33.88 -0.79 -2.13
C ARG B 18 -35.32 -0.83 -2.67
N THR B 19 -35.43 -0.95 -3.99
CA THR B 19 -36.72 -0.98 -4.66
C THR B 19 -36.69 -1.87 -5.90
N ALA B 20 -37.88 -2.22 -6.40
CA ALA B 20 -38.05 -3.09 -7.57
C ALA B 20 -37.33 -4.45 -7.46
N PRO B 21 -37.64 -5.21 -6.39
CA PRO B 21 -36.86 -6.41 -6.10
C PRO B 21 -37.13 -7.56 -7.08
N SER B 22 -36.07 -8.26 -7.50
CA SER B 22 -36.20 -9.49 -8.26
C SER B 22 -35.32 -10.60 -7.68
N VAL B 23 -35.67 -11.86 -7.97
CA VAL B 23 -34.92 -12.99 -7.44
C VAL B 23 -34.06 -13.65 -8.51
N ALA B 24 -32.77 -13.81 -8.20
CA ALA B 24 -31.83 -14.46 -9.11
C ALA B 24 -30.93 -15.46 -8.38
N ASN B 25 -30.23 -16.29 -9.15
CA ASN B 25 -29.18 -17.15 -8.62
C ASN B 25 -27.89 -16.36 -8.50
N VAL B 26 -27.43 -16.13 -7.28
CA VAL B 26 -26.21 -15.36 -7.07
C VAL B 26 -24.98 -16.23 -6.88
N LEU B 27 -24.22 -16.41 -7.95
CA LEU B 27 -22.92 -17.10 -7.88
C LEU B 27 -21.87 -16.20 -7.23
N ARG B 28 -21.13 -16.74 -6.26
CA ARG B 28 -20.13 -15.96 -5.57
C ARG B 28 -18.85 -16.76 -5.33
N THR B 29 -17.92 -16.66 -6.28
CA THR B 29 -16.68 -17.41 -6.21
C THR B 29 -15.48 -16.49 -6.48
N PRO B 30 -14.36 -16.75 -5.79
CA PRO B 30 -13.09 -16.06 -6.03
C PRO B 30 -12.32 -16.76 -7.14
N ASP B 31 -12.81 -17.92 -7.56
CA ASP B 31 -12.16 -18.70 -8.60
C ASP B 31 -12.71 -18.30 -9.97
N ALA B 32 -11.89 -17.57 -10.73
CA ALA B 32 -12.28 -17.10 -12.05
C ALA B 32 -12.62 -18.23 -13.04
N GLU B 33 -12.10 -19.41 -12.79
CA GLU B 33 -12.39 -20.55 -13.65
C GLU B 33 -13.86 -20.89 -13.56
N MET B 34 -14.37 -20.88 -12.33
CA MET B 34 -15.77 -21.18 -12.05
C MET B 34 -16.69 -20.20 -12.76
N ILE B 35 -16.27 -18.94 -12.76
CA ILE B 35 -17.03 -17.88 -13.41
C ILE B 35 -17.13 -18.13 -14.91
N VAL B 36 -15.99 -18.46 -15.52
CA VAL B 36 -15.94 -18.81 -16.94
C VAL B 36 -16.90 -19.93 -17.31
N LYS B 37 -16.95 -20.95 -16.45
CA LYS B 37 -17.79 -22.14 -16.69
C LYS B 37 -19.25 -21.88 -16.39
N ALA B 38 -19.52 -20.96 -15.48
CA ALA B 38 -20.89 -20.58 -15.16
C ALA B 38 -21.50 -19.90 -16.37
N VAL B 39 -20.66 -19.17 -17.09
CA VAL B 39 -21.07 -18.47 -18.30
C VAL B 39 -21.28 -19.44 -19.46
N ALA B 40 -20.35 -20.38 -19.62
CA ALA B 40 -20.48 -21.41 -20.65
C ALA B 40 -21.73 -22.24 -20.42
N ARG B 41 -22.05 -22.47 -19.15
CA ARG B 41 -23.28 -23.17 -18.73
C ARG B 41 -24.54 -22.43 -19.18
N VAL B 42 -24.57 -21.12 -18.97
CA VAL B 42 -25.69 -20.30 -19.41
C VAL B 42 -25.75 -20.21 -20.93
N ALA B 43 -24.58 -20.18 -21.57
CA ALA B 43 -24.49 -20.05 -23.03
C ALA B 43 -24.90 -21.31 -23.77
N GLU B 44 -25.03 -22.42 -23.05
CA GLU B 44 -25.39 -23.70 -23.66
C GLU B 44 -26.86 -24.01 -23.41
N SER B 45 -27.39 -23.55 -22.29
CA SER B 45 -28.77 -23.82 -21.93
C SER B 45 -29.73 -22.90 -22.69
N GLY B 46 -29.48 -22.74 -23.99
CA GLY B 46 -30.28 -21.86 -24.82
C GLY B 46 -29.91 -20.40 -24.63
N GLY B 47 -29.87 -19.97 -23.38
CA GLY B 47 -29.62 -18.58 -23.04
C GLY B 47 -30.53 -18.18 -21.90
N GLY B 48 -31.81 -18.56 -22.00
CA GLY B 48 -32.80 -18.30 -20.98
C GLY B 48 -32.84 -16.84 -20.58
N ARG B 49 -32.73 -16.58 -19.28
CA ARG B 49 -32.73 -15.22 -18.76
C ARG B 49 -31.31 -14.70 -18.55
N GLY B 50 -30.35 -15.46 -19.05
CA GLY B 50 -28.96 -15.03 -19.09
C GLY B 50 -28.26 -14.71 -17.78
N ALA B 51 -27.26 -13.84 -17.88
CA ALA B 51 -26.43 -13.51 -16.72
C ALA B 51 -26.04 -12.04 -16.67
N ILE B 52 -25.93 -11.51 -15.46
CA ILE B 52 -25.37 -10.18 -15.30
C ILE B 52 -24.29 -10.18 -14.20
N ALA B 53 -23.28 -9.33 -14.36
CA ALA B 53 -22.31 -9.16 -13.29
C ALA B 53 -22.87 -8.17 -12.27
N ARG B 54 -22.54 -8.38 -11.00
CA ARG B 54 -22.86 -7.43 -9.95
C ARG B 54 -21.60 -7.04 -9.13
N GLY B 55 -21.46 -5.77 -8.79
CA GLY B 55 -20.35 -5.33 -7.95
C GLY B 55 -20.80 -5.09 -6.52
N LEU B 56 -20.63 -3.85 -6.06
CA LEU B 56 -20.99 -3.50 -4.70
C LEU B 56 -22.44 -3.05 -4.55
N GLY B 57 -23.19 -3.15 -5.66
CA GLY B 57 -24.62 -2.91 -5.69
C GLY B 57 -25.00 -1.50 -5.31
N ARG B 58 -24.11 -0.56 -5.60
CA ARG B 58 -24.32 0.83 -5.23
C ARG B 58 -25.20 1.53 -6.26
N SER B 59 -25.33 0.92 -7.44
CA SER B 59 -26.20 1.49 -8.46
C SER B 59 -27.63 1.40 -7.92
N TYR B 60 -28.36 2.52 -8.01
CA TYR B 60 -29.76 2.60 -7.56
C TYR B 60 -30.69 1.86 -8.49
N GLY B 61 -30.32 1.86 -9.77
CA GLY B 61 -31.10 1.21 -10.82
C GLY B 61 -31.17 -0.30 -10.71
N ASP B 62 -31.62 -0.92 -11.80
CA ASP B 62 -31.83 -2.36 -11.82
C ASP B 62 -30.87 -3.04 -12.79
N ASN B 63 -29.72 -2.41 -13.01
CA ASN B 63 -28.71 -2.95 -13.93
C ASN B 63 -27.90 -4.10 -13.35
N ALA B 64 -27.82 -4.18 -12.02
CA ALA B 64 -27.02 -5.22 -11.36
C ALA B 64 -27.89 -6.36 -10.85
N GLN B 65 -29.08 -6.48 -11.40
CA GLN B 65 -29.97 -7.57 -11.05
C GLN B 65 -30.63 -8.17 -12.28
N ASN B 66 -30.86 -9.49 -12.24
CA ASN B 66 -31.39 -10.20 -13.38
C ASN B 66 -32.45 -11.21 -12.94
N GLY B 67 -33.69 -10.75 -12.78
CA GLY B 67 -34.78 -11.58 -12.29
C GLY B 67 -34.90 -12.90 -13.03
N GLY B 68 -34.92 -13.99 -12.28
CA GLY B 68 -35.05 -15.31 -12.84
C GLY B 68 -33.83 -15.78 -13.61
N GLY B 69 -32.69 -15.12 -13.39
CA GLY B 69 -31.49 -15.46 -14.10
C GLY B 69 -30.28 -15.69 -13.21
N LEU B 70 -29.10 -15.52 -13.79
CA LEU B 70 -27.87 -15.60 -13.04
C LEU B 70 -27.30 -14.22 -12.72
N VAL B 71 -26.97 -13.99 -11.45
CA VAL B 71 -26.25 -12.79 -11.05
C VAL B 71 -24.90 -13.17 -10.44
N ILE B 72 -23.82 -12.79 -11.12
CA ILE B 72 -22.49 -13.12 -10.64
C ILE B 72 -21.87 -12.02 -9.79
N ASP B 73 -21.70 -12.29 -8.50
CA ASP B 73 -21.03 -11.37 -7.60
C ASP B 73 -19.54 -11.39 -7.89
N MET B 74 -18.97 -10.21 -8.16
CA MET B 74 -17.58 -10.06 -8.54
C MET B 74 -16.66 -9.62 -7.39
N THR B 75 -17.26 -9.21 -6.28
CA THR B 75 -16.46 -8.79 -5.12
C THR B 75 -15.39 -9.79 -4.61
N PRO B 76 -15.65 -11.11 -4.73
CA PRO B 76 -14.58 -12.03 -4.34
C PRO B 76 -13.30 -11.85 -5.15
N LEU B 77 -13.42 -11.39 -6.39
CA LEU B 77 -12.25 -11.21 -7.24
C LEU B 77 -11.56 -9.86 -7.00
N ASN B 78 -10.91 -9.72 -5.86
CA ASN B 78 -10.43 -8.39 -5.45
C ASN B 78 -8.93 -8.33 -5.33
N THR B 79 -8.25 -9.01 -6.23
CA THR B 79 -6.79 -9.01 -6.21
C THR B 79 -6.19 -7.82 -6.93
N ILE B 80 -5.41 -7.01 -6.21
CA ILE B 80 -4.54 -6.01 -6.80
C ILE B 80 -3.26 -6.72 -7.25
N HIS B 81 -2.99 -6.71 -8.56
CA HIS B 81 -1.88 -7.48 -9.12
C HIS B 81 -0.57 -6.72 -9.12
N SER B 82 -0.62 -5.44 -9.46
CA SER B 82 0.57 -4.63 -9.49
C SER B 82 0.19 -3.15 -9.44
N ILE B 83 1.11 -2.32 -8.96
CA ILE B 83 0.98 -0.88 -9.06
C ILE B 83 2.39 -0.44 -9.38
N ASP B 84 2.52 0.53 -10.27
CA ASP B 84 3.82 0.99 -10.71
C ASP B 84 3.83 2.51 -10.71
N ALA B 85 4.73 3.11 -9.93
CA ALA B 85 4.77 4.56 -9.80
C ALA B 85 5.39 5.27 -11.01
N ASP B 86 6.04 4.51 -11.85
CA ASP B 86 6.78 5.10 -12.96
C ASP B 86 5.88 5.17 -14.19
N THR B 87 5.17 4.07 -14.44
CA THR B 87 4.19 4.03 -15.52
C THR B 87 2.81 4.50 -15.06
N LYS B 88 2.65 4.68 -13.76
CA LYS B 88 1.39 5.15 -13.20
C LYS B 88 0.23 4.19 -13.43
N LEU B 89 0.57 2.94 -13.76
CA LEU B 89 -0.44 1.94 -14.04
C LEU B 89 -0.73 1.02 -12.87
N VAL B 90 -2.02 0.78 -12.63
CA VAL B 90 -2.42 -0.24 -11.66
C VAL B 90 -3.13 -1.34 -12.42
N ASP B 91 -2.81 -2.58 -12.09
CA ASP B 91 -3.42 -3.73 -12.73
C ASP B 91 -4.22 -4.48 -11.67
N ILE B 92 -5.54 -4.45 -11.80
CA ILE B 92 -6.38 -5.02 -10.75
C ILE B 92 -7.52 -5.85 -11.32
N ASP B 93 -8.02 -6.76 -10.49
CA ASP B 93 -9.22 -7.53 -10.77
C ASP B 93 -10.44 -6.63 -10.64
N ALA B 94 -11.49 -6.93 -11.41
CA ALA B 94 -12.68 -6.07 -11.50
C ALA B 94 -13.37 -5.87 -10.17
N GLY B 95 -13.23 -6.86 -9.29
CA GLY B 95 -13.87 -6.83 -7.99
C GLY B 95 -13.25 -5.88 -6.97
N VAL B 96 -12.05 -5.37 -7.23
CA VAL B 96 -11.47 -4.45 -6.27
C VAL B 96 -12.29 -3.17 -6.20
N ASN B 97 -12.57 -2.69 -4.99
CA ASN B 97 -13.26 -1.42 -4.84
C ASN B 97 -12.28 -0.24 -4.79
N LEU B 98 -12.82 0.97 -4.90
CA LEU B 98 -11.99 2.15 -5.09
C LEU B 98 -11.46 2.68 -3.76
N ASP B 99 -12.02 2.23 -2.65
CA ASP B 99 -11.47 2.60 -1.37
C ASP B 99 -10.18 1.81 -1.19
N GLN B 100 -10.33 0.51 -1.45
CA GLN B 100 -9.24 -0.44 -1.46
C GLN B 100 -8.08 0.05 -2.33
N LEU B 101 -8.41 0.38 -3.56
CA LEU B 101 -7.42 0.88 -4.53
C LEU B 101 -6.78 2.21 -4.09
N MET B 102 -7.59 3.08 -3.54
CA MET B 102 -7.07 4.36 -3.08
C MET B 102 -6.00 4.16 -2.00
N LYS B 103 -6.33 3.28 -1.07
CA LYS B 103 -5.44 3.07 0.05
C LYS B 103 -4.15 2.43 -0.41
N ALA B 104 -4.26 1.47 -1.32
CA ALA B 104 -3.09 0.78 -1.83
C ALA B 104 -2.18 1.65 -2.69
N ALA B 105 -2.72 2.69 -3.32
CA ALA B 105 -1.92 3.42 -4.33
C ALA B 105 -1.36 4.74 -3.85
N LEU B 106 -1.95 5.28 -2.78
CA LEU B 106 -1.40 6.46 -2.12
C LEU B 106 0.12 6.38 -1.82
N PRO B 107 0.60 5.24 -1.26
CA PRO B 107 2.04 5.13 -1.00
C PRO B 107 2.90 5.25 -2.25
N PHE B 108 2.32 5.12 -3.44
CA PHE B 108 3.13 5.27 -4.65
C PHE B 108 3.03 6.67 -5.22
N GLY B 109 2.34 7.56 -4.50
CA GLY B 109 2.06 8.88 -5.03
C GLY B 109 1.07 8.81 -6.21
N LEU B 110 0.16 7.85 -6.18
CA LEU B 110 -0.84 7.75 -7.24
C LEU B 110 -2.22 8.01 -6.68
N TRP B 111 -3.00 8.82 -7.39
CA TRP B 111 -4.40 9.13 -7.02
C TRP B 111 -5.37 8.50 -8.04
N VAL B 112 -6.46 7.91 -7.56
CA VAL B 112 -7.56 7.39 -8.39
C VAL B 112 -8.12 8.54 -9.19
N PRO B 113 -8.08 8.42 -10.53
CA PRO B 113 -8.28 9.55 -11.46
C PRO B 113 -9.70 10.12 -11.46
N VAL B 114 -10.69 9.29 -11.12
CA VAL B 114 -12.08 9.72 -10.98
C VAL B 114 -12.66 9.06 -9.75
N LEU B 115 -13.01 9.83 -8.74
CA LEU B 115 -13.73 9.26 -7.61
C LEU B 115 -15.17 9.78 -7.66
N PRO B 116 -16.14 8.89 -7.42
CA PRO B 116 -17.56 9.28 -7.26
C PRO B 116 -17.82 9.65 -5.80
N GLY B 117 -19.08 9.75 -5.40
CA GLY B 117 -19.42 10.17 -4.05
C GLY B 117 -19.13 9.19 -2.91
N THR B 118 -19.24 7.89 -3.18
CA THR B 118 -18.76 6.86 -2.28
C THR B 118 -17.45 6.34 -2.85
N ARG B 119 -16.72 5.60 -2.04
CA ARG B 119 -15.58 4.84 -2.54
C ARG B 119 -15.99 3.37 -2.61
N GLN B 120 -17.19 3.09 -2.14
CA GLN B 120 -17.65 1.72 -2.09
C GLN B 120 -18.24 1.27 -3.41
N VAL B 121 -17.44 1.36 -4.46
CA VAL B 121 -17.83 0.89 -5.77
C VAL B 121 -16.68 0.10 -6.40
N THR B 122 -17.00 -0.99 -7.09
CA THR B 122 -15.95 -1.77 -7.73
C THR B 122 -15.49 -1.15 -9.03
N VAL B 123 -14.32 -1.58 -9.49
CA VAL B 123 -13.76 -1.13 -10.75
C VAL B 123 -14.69 -1.51 -11.90
N GLY B 124 -15.21 -2.74 -11.87
CA GLY B 124 -16.16 -3.21 -12.86
C GLY B 124 -17.40 -2.34 -12.96
N GLY B 125 -18.00 -2.00 -11.82
CA GLY B 125 -19.07 -1.03 -11.76
C GLY B 125 -18.70 0.36 -12.23
N ALA B 126 -17.49 0.82 -11.92
CA ALA B 126 -17.04 2.15 -12.31
C ALA B 126 -16.92 2.28 -13.82
N ILE B 127 -16.46 1.20 -14.44
CA ILE B 127 -16.32 1.16 -15.89
C ILE B 127 -17.68 1.02 -16.57
N ALA B 128 -18.46 0.06 -16.09
CA ALA B 128 -19.75 -0.27 -16.64
C ALA B 128 -20.79 0.87 -16.56
N CYS B 129 -20.73 1.71 -15.52
CA CYS B 129 -21.54 2.92 -15.52
C CYS B 129 -20.75 4.16 -15.94
N ASP B 130 -19.52 3.97 -16.42
CA ASP B 130 -18.62 5.06 -16.79
C ASP B 130 -18.75 6.26 -15.84
N ILE B 131 -18.49 6.02 -14.57
CA ILE B 131 -18.80 7.00 -13.52
C ILE B 131 -18.02 8.30 -13.66
N HIS B 132 -18.57 9.34 -13.04
CA HIS B 132 -17.97 10.67 -13.09
C HIS B 132 -17.90 11.13 -11.66
N GLY B 133 -17.28 12.28 -11.45
CA GLY B 133 -17.30 12.89 -10.14
C GLY B 133 -17.03 14.36 -10.14
N LYS B 134 -16.53 14.85 -9.01
CA LYS B 134 -16.30 16.26 -8.79
C LYS B 134 -15.28 16.86 -9.76
N ASN B 135 -14.55 16.01 -10.46
CA ASN B 135 -13.51 16.50 -11.33
C ASN B 135 -13.73 16.20 -12.81
N HIS B 136 -14.98 15.94 -13.16
CA HIS B 136 -15.31 15.58 -14.53
C HIS B 136 -14.82 16.57 -15.58
N HIS B 137 -14.98 17.86 -15.29
CA HIS B 137 -14.64 18.92 -16.22
C HIS B 137 -13.14 19.01 -16.51
N SER B 138 -12.31 18.41 -15.65
CA SER B 138 -10.85 18.35 -15.88
C SER B 138 -10.33 16.96 -16.26
N ALA B 139 -11.00 15.91 -15.79
CA ALA B 139 -10.49 14.54 -15.94
C ALA B 139 -11.35 13.59 -16.78
N GLY B 140 -12.55 14.04 -17.13
CA GLY B 140 -13.51 13.19 -17.80
C GLY B 140 -14.08 12.17 -16.82
N SER B 141 -14.51 11.04 -17.34
CA SER B 141 -15.11 10.01 -16.49
C SER B 141 -14.18 8.82 -16.41
N PHE B 142 -14.59 7.78 -15.68
CA PHE B 142 -13.76 6.60 -15.48
C PHE B 142 -13.14 6.01 -16.76
N GLY B 143 -13.96 5.77 -17.76
CA GLY B 143 -13.47 5.15 -18.99
C GLY B 143 -12.28 5.83 -19.61
N ASN B 144 -12.16 7.14 -19.42
CA ASN B 144 -11.04 7.89 -19.99
C ASN B 144 -9.68 7.42 -19.47
N HIS B 145 -9.68 6.69 -18.37
CA HIS B 145 -8.42 6.29 -17.74
C HIS B 145 -8.15 4.80 -17.78
N VAL B 146 -9.05 4.04 -18.39
CA VAL B 146 -8.81 2.62 -18.58
C VAL B 146 -7.91 2.43 -19.81
N ARG B 147 -6.75 1.83 -19.59
CA ARG B 147 -5.79 1.60 -20.67
C ARG B 147 -5.98 0.21 -21.29
N SER B 148 -6.63 -0.68 -20.57
CA SER B 148 -6.87 -2.03 -21.05
C SER B 148 -7.88 -2.72 -20.16
N MET B 149 -8.59 -3.67 -20.73
CA MET B 149 -9.43 -4.53 -19.91
C MET B 149 -9.60 -5.92 -20.49
N ASP B 150 -9.92 -6.86 -19.62
CA ASP B 150 -10.13 -8.22 -20.02
C ASP B 150 -11.62 -8.53 -19.86
N LEU B 151 -12.28 -8.75 -21.00
CA LEU B 151 -13.72 -8.94 -21.02
C LEU B 151 -14.05 -10.40 -21.34
N LEU B 152 -14.68 -11.08 -20.39
CA LEU B 152 -15.23 -12.40 -20.64
C LEU B 152 -16.45 -12.26 -21.54
N THR B 153 -16.36 -12.75 -22.77
CA THR B 153 -17.50 -12.61 -23.69
C THR B 153 -18.42 -13.84 -23.67
N ALA B 154 -19.54 -13.76 -24.39
CA ALA B 154 -20.54 -14.83 -24.38
C ALA B 154 -20.00 -16.17 -24.87
N ASP B 155 -19.10 -16.12 -25.86
CA ASP B 155 -18.51 -17.36 -26.38
C ASP B 155 -17.44 -18.02 -25.46
N GLY B 156 -17.35 -17.57 -24.22
CA GLY B 156 -16.42 -18.16 -23.27
C GLY B 156 -14.99 -17.64 -23.40
N GLU B 157 -14.76 -16.75 -24.36
CA GLU B 157 -13.43 -16.20 -24.59
C GLU B 157 -13.17 -14.94 -23.76
N ILE B 158 -11.93 -14.79 -23.30
CA ILE B 158 -11.47 -13.57 -22.63
C ILE B 158 -10.80 -12.64 -23.65
N ARG B 159 -11.40 -11.48 -23.86
CA ARG B 159 -10.91 -10.52 -24.84
C ARG B 159 -10.09 -9.42 -24.14
N HIS B 160 -8.88 -9.18 -24.64
CA HIS B 160 -8.07 -8.07 -24.15
C HIS B 160 -8.41 -6.80 -24.95
N LEU B 161 -9.06 -5.84 -24.30
CA LEU B 161 -9.49 -4.64 -24.98
C LEU B 161 -8.65 -3.43 -24.65
N THR B 162 -8.39 -2.60 -25.66
CA THR B 162 -7.77 -1.29 -25.48
C THR B 162 -8.59 -0.18 -26.15
N PRO B 163 -8.46 1.06 -25.65
CA PRO B 163 -9.17 2.24 -26.19
C PRO B 163 -8.85 2.56 -27.64
N THR B 164 -7.67 2.19 -28.10
CA THR B 164 -7.28 2.33 -29.50
C THR B 164 -6.92 0.97 -30.09
N GLY B 165 -6.37 0.95 -31.28
CA GLY B 165 -6.16 -0.31 -31.96
C GLY B 165 -7.48 -1.03 -32.18
N GLU B 166 -7.42 -2.25 -32.70
CA GLU B 166 -8.62 -3.01 -32.97
C GLU B 166 -9.36 -3.30 -31.67
N ASP B 167 -10.60 -3.72 -31.81
CA ASP B 167 -11.47 -3.98 -30.66
C ASP B 167 -11.80 -2.75 -29.80
N ALA B 168 -11.36 -1.58 -30.24
CA ALA B 168 -11.71 -0.32 -29.58
C ALA B 168 -13.22 -0.17 -29.47
N GLU B 169 -13.91 -0.61 -30.51
CA GLU B 169 -15.35 -0.47 -30.58
C GLU B 169 -16.01 -1.16 -29.41
N LEU B 170 -15.62 -2.41 -29.19
CA LEU B 170 -16.17 -3.21 -28.12
C LEU B 170 -15.68 -2.68 -26.76
N PHE B 171 -14.50 -2.07 -26.75
CA PHE B 171 -14.00 -1.40 -25.55
C PHE B 171 -14.92 -0.26 -25.14
N TRP B 172 -15.25 0.60 -26.11
CA TRP B 172 -16.04 1.80 -25.85
C TRP B 172 -17.53 1.50 -25.74
N ALA B 173 -17.89 0.27 -26.10
CA ALA B 173 -19.26 -0.20 -25.93
C ALA B 173 -19.37 -0.78 -24.53
N THR B 174 -18.26 -1.31 -24.03
CA THR B 174 -18.23 -1.84 -22.68
C THR B 174 -18.22 -0.74 -21.62
N VAL B 175 -17.50 0.34 -21.91
CA VAL B 175 -17.54 1.54 -21.05
C VAL B 175 -18.96 2.09 -21.07
N GLY B 176 -19.63 2.07 -19.93
CA GLY B 176 -20.97 2.60 -19.84
C GLY B 176 -21.99 1.60 -20.35
N GLY B 177 -21.54 0.37 -20.58
CA GLY B 177 -22.39 -0.68 -21.09
C GLY B 177 -23.18 -1.49 -20.07
N ASN B 178 -23.13 -1.07 -18.79
CA ASN B 178 -23.93 -1.70 -17.73
C ASN B 178 -23.83 -3.23 -17.70
N GLY B 179 -22.62 -3.72 -17.96
CA GLY B 179 -22.33 -5.14 -17.92
C GLY B 179 -22.85 -5.98 -19.08
N LEU B 180 -23.45 -5.34 -20.09
CA LEU B 180 -24.14 -6.07 -21.19
C LEU B 180 -23.29 -6.47 -22.41
N THR B 181 -21.97 -6.32 -22.32
CA THR B 181 -21.05 -6.83 -23.34
C THR B 181 -20.35 -8.06 -22.78
N GLY B 182 -20.54 -8.27 -21.48
CA GLY B 182 -19.99 -9.43 -20.79
C GLY B 182 -19.37 -9.02 -19.46
N ILE B 183 -18.50 -9.88 -18.96
CA ILE B 183 -17.95 -9.69 -17.63
C ILE B 183 -16.51 -9.20 -17.64
N ILE B 184 -16.31 -7.97 -17.15
CA ILE B 184 -14.97 -7.43 -16.99
C ILE B 184 -14.31 -8.19 -15.85
N MET B 185 -13.16 -8.81 -16.13
CA MET B 185 -12.48 -9.65 -15.15
C MET B 185 -11.34 -8.89 -14.50
N ARG B 186 -10.74 -8.00 -15.28
CA ARG B 186 -9.49 -7.40 -14.91
C ARG B 186 -9.25 -6.23 -15.84
N ALA B 187 -8.71 -5.15 -15.30
CA ALA B 187 -8.46 -3.97 -16.09
C ALA B 187 -7.15 -3.30 -15.68
N THR B 188 -6.66 -2.46 -16.58
CA THR B 188 -5.49 -1.64 -16.30
C THR B 188 -5.89 -0.18 -16.33
N ILE B 189 -5.64 0.52 -15.22
CA ILE B 189 -6.00 1.90 -15.02
C ILE B 189 -4.74 2.77 -14.94
N GLU B 190 -4.75 3.90 -15.63
CA GLU B 190 -3.70 4.89 -15.49
C GLU B 190 -4.07 5.93 -14.45
N MET B 191 -3.28 6.02 -13.38
CA MET B 191 -3.63 6.86 -12.24
C MET B 191 -3.12 8.28 -12.36
N THR B 192 -3.56 9.13 -11.45
CA THR B 192 -3.11 10.50 -11.45
C THR B 192 -2.00 10.68 -10.43
N PRO B 193 -0.87 11.24 -10.86
CA PRO B 193 0.23 11.41 -9.91
C PRO B 193 -0.15 12.47 -8.89
N THR B 194 0.20 12.24 -7.62
CA THR B 194 0.02 13.26 -6.58
C THR B 194 1.15 13.21 -5.55
N SER B 195 1.42 14.34 -4.93
CA SER B 195 2.46 14.38 -3.92
C SER B 195 1.88 14.38 -2.53
N THR B 196 0.54 14.54 -2.45
CA THR B 196 -0.18 14.50 -1.18
C THR B 196 -1.55 13.84 -1.31
N ALA B 197 -2.18 13.60 -0.17
CA ALA B 197 -3.54 13.08 -0.10
C ALA B 197 -4.50 14.19 0.32
N TYR B 198 -4.14 15.43 0.02
CA TYR B 198 -4.88 16.59 0.49
C TYR B 198 -5.28 17.54 -0.61
N PHE B 199 -6.28 18.35 -0.29
CA PHE B 199 -6.85 19.28 -1.24
C PHE B 199 -6.68 20.71 -0.76
N ILE B 200 -6.43 21.61 -1.69
CA ILE B 200 -6.55 23.02 -1.41
C ILE B 200 -7.88 23.54 -1.96
N ALA B 201 -8.73 24.00 -1.05
CA ALA B 201 -10.13 24.23 -1.35
C ALA B 201 -10.54 25.68 -1.18
N ASP B 202 -11.20 26.22 -2.20
CA ASP B 202 -11.86 27.52 -2.11
C ASP B 202 -13.35 27.26 -1.98
N GLY B 203 -14.04 28.09 -1.21
CA GLY B 203 -15.46 27.92 -1.01
C GLY B 203 -16.19 29.22 -1.29
N ASP B 204 -17.28 29.13 -2.05
CA ASP B 204 -18.07 30.29 -2.36
C ASP B 204 -19.52 30.02 -2.11
N VAL B 205 -20.28 31.09 -1.96
CA VAL B 205 -21.70 30.98 -1.67
C VAL B 205 -22.44 31.96 -2.60
N THR B 206 -23.48 31.46 -3.28
CA THR B 206 -24.31 32.34 -4.11
C THR B 206 -25.67 32.57 -3.46
N ALA B 207 -26.43 33.54 -3.99
CA ALA B 207 -27.71 33.92 -3.40
C ALA B 207 -28.89 33.57 -4.30
N SER B 208 -28.61 33.33 -5.57
CA SER B 208 -29.65 33.00 -6.54
C SER B 208 -29.15 32.01 -7.55
N LEU B 209 -30.08 31.37 -8.26
CA LEU B 209 -29.73 30.46 -9.34
C LEU B 209 -28.93 31.17 -10.42
N ASP B 210 -29.35 32.39 -10.73
CA ASP B 210 -28.69 33.16 -11.78
C ASP B 210 -27.24 33.41 -11.38
N GLU B 211 -27.03 33.56 -10.08
CA GLU B 211 -25.70 33.79 -9.56
C GLU B 211 -24.82 32.54 -9.72
N THR B 212 -25.36 31.40 -9.30
CA THR B 212 -24.73 30.10 -9.45
C THR B 212 -24.24 29.87 -10.89
N ILE B 213 -25.13 30.08 -11.85
CA ILE B 213 -24.81 29.88 -13.26
C ILE B 213 -23.75 30.86 -13.75
N ALA B 214 -23.84 32.11 -13.29
CA ALA B 214 -22.83 33.11 -13.60
C ALA B 214 -21.45 32.69 -13.08
N LEU B 215 -21.42 32.19 -11.84
CA LEU B 215 -20.19 31.69 -11.23
C LEU B 215 -19.55 30.53 -12.03
N HIS B 216 -20.38 29.79 -12.73
CA HIS B 216 -19.86 28.63 -13.46
C HIS B 216 -19.57 28.93 -14.93
N SER B 217 -19.77 30.18 -15.34
CA SER B 217 -19.47 30.58 -16.71
C SER B 217 -18.57 31.81 -16.79
N ASP B 218 -18.02 32.22 -15.66
CA ASP B 218 -17.15 33.39 -15.60
C ASP B 218 -15.70 33.04 -15.87
N GLY B 219 -15.44 31.75 -16.07
CA GLY B 219 -14.09 31.28 -16.35
C GLY B 219 -13.36 30.72 -15.15
N SER B 220 -13.83 31.07 -13.95
CA SER B 220 -13.22 30.64 -12.69
C SER B 220 -13.08 29.12 -12.59
N GLU B 221 -14.02 28.44 -13.23
CA GLU B 221 -14.06 27.00 -13.23
C GLU B 221 -12.75 26.39 -13.77
N ALA B 222 -12.07 27.11 -14.65
CA ALA B 222 -10.82 26.63 -15.24
C ALA B 222 -9.63 26.62 -14.27
N ARG B 223 -9.76 27.30 -13.14
CA ARG B 223 -8.68 27.35 -12.13
C ARG B 223 -8.70 26.15 -11.19
N TYR B 224 -9.80 25.43 -11.18
CA TYR B 224 -9.97 24.30 -10.30
C TYR B 224 -10.11 22.99 -11.06
N THR B 225 -9.53 21.92 -10.51
CA THR B 225 -9.68 20.60 -11.10
C THR B 225 -10.90 19.87 -10.55
N TYR B 226 -11.28 20.22 -9.33
CA TYR B 226 -12.43 19.61 -8.69
C TYR B 226 -13.44 20.71 -8.38
N SER B 227 -14.72 20.45 -8.66
CA SER B 227 -15.76 21.44 -8.42
C SER B 227 -17.16 20.86 -8.40
N SER B 228 -17.89 21.21 -7.36
CA SER B 228 -19.29 20.82 -7.24
C SER B 228 -20.01 21.76 -6.27
N ALA B 229 -21.33 21.63 -6.15
CA ALA B 229 -22.10 22.52 -5.27
C ALA B 229 -23.36 21.89 -4.71
N TRP B 230 -23.68 22.24 -3.47
CA TRP B 230 -24.98 21.94 -2.89
C TRP B 230 -25.83 23.14 -3.20
N PHE B 231 -27.06 22.92 -3.64
CA PHE B 231 -27.89 24.07 -4.00
C PHE B 231 -29.34 23.91 -3.55
N ASP B 232 -30.00 25.06 -3.37
CA ASP B 232 -31.37 25.13 -2.85
C ASP B 232 -32.45 24.85 -3.92
N ALA B 233 -33.20 23.75 -3.74
CA ALA B 233 -34.24 23.38 -4.70
C ALA B 233 -35.62 23.56 -4.09
N ILE B 234 -35.67 24.17 -2.91
CA ILE B 234 -36.91 24.34 -2.18
C ILE B 234 -37.37 25.80 -2.06
N SER B 235 -36.45 26.70 -1.74
CA SER B 235 -36.78 28.13 -1.67
C SER B 235 -37.37 28.65 -2.97
N ALA B 236 -38.40 29.48 -2.86
CA ALA B 236 -38.98 30.12 -4.03
C ALA B 236 -37.99 31.15 -4.58
N PRO B 237 -38.11 31.50 -5.87
CA PRO B 237 -37.24 32.50 -6.48
C PRO B 237 -37.30 33.80 -5.70
N PRO B 238 -36.19 34.56 -5.69
CA PRO B 238 -34.95 34.27 -6.42
C PRO B 238 -33.92 33.58 -5.55
N LYS B 239 -34.32 33.17 -4.35
CA LYS B 239 -33.45 32.42 -3.48
C LYS B 239 -33.25 31.03 -4.07
N LEU B 240 -34.19 30.60 -4.91
CA LEU B 240 -34.11 29.32 -5.58
C LEU B 240 -32.83 29.22 -6.40
N GLY B 241 -32.05 28.17 -6.13
CA GLY B 241 -30.86 27.91 -6.92
C GLY B 241 -29.59 28.54 -6.36
N ARG B 242 -29.67 29.15 -5.19
CA ARG B 242 -28.48 29.61 -4.50
C ARG B 242 -27.72 28.36 -4.09
N ALA B 243 -26.40 28.48 -3.95
CA ALA B 243 -25.56 27.30 -3.80
C ALA B 243 -24.36 27.54 -2.91
N ALA B 244 -23.95 26.50 -2.21
CA ALA B 244 -22.64 26.46 -1.56
C ALA B 244 -21.72 25.71 -2.50
N VAL B 245 -20.80 26.45 -3.11
CA VAL B 245 -19.82 25.88 -4.04
C VAL B 245 -18.51 25.48 -3.37
N SER B 246 -18.04 24.28 -3.66
CA SER B 246 -16.78 23.79 -3.15
C SER B 246 -15.84 23.45 -4.30
N ARG B 247 -14.78 24.22 -4.46
CA ARG B 247 -13.87 23.98 -5.58
C ARG B 247 -12.43 23.89 -5.10
N GLY B 248 -11.62 23.10 -5.80
CA GLY B 248 -10.24 22.97 -5.39
C GLY B 248 -9.40 22.09 -6.26
N ARG B 249 -8.21 21.78 -5.78
CA ARG B 249 -7.32 20.87 -6.48
C ARG B 249 -6.43 20.16 -5.47
N LEU B 250 -5.74 19.12 -5.90
CA LEU B 250 -4.83 18.41 -5.03
C LEU B 250 -3.67 19.30 -4.59
N ALA B 251 -3.29 19.19 -3.32
CA ALA B 251 -2.23 20.01 -2.78
C ALA B 251 -0.88 19.37 -3.01
N THR B 252 0.14 20.23 -3.14
CA THR B 252 1.53 19.80 -3.16
C THR B 252 2.04 19.78 -1.72
N VAL B 253 3.20 19.17 -1.53
CA VAL B 253 3.83 19.10 -0.23
C VAL B 253 4.13 20.50 0.32
N GLU B 254 4.67 21.35 -0.54
CA GLU B 254 5.02 22.72 -0.16
C GLU B 254 3.85 23.57 0.33
N GLN B 255 2.61 23.09 0.15
CA GLN B 255 1.42 23.87 0.52
C GLN B 255 0.76 23.32 1.76
N LEU B 256 1.34 22.26 2.29
CA LEU B 256 0.86 21.63 3.50
C LEU B 256 1.49 22.29 4.72
N PRO B 257 0.70 22.41 5.80
CA PRO B 257 1.25 22.84 7.08
C PRO B 257 2.29 21.83 7.56
N ALA B 258 3.37 22.31 8.17
CA ALA B 258 4.52 21.46 8.55
C ALA B 258 4.16 20.19 9.33
N LYS B 259 3.12 20.25 10.15
CA LYS B 259 2.63 19.10 10.91
C LYS B 259 2.34 17.92 9.97
N LEU B 260 1.91 18.24 8.75
CA LEU B 260 1.44 17.25 7.79
C LEU B 260 2.51 16.89 6.77
N ARG B 261 3.51 17.76 6.65
CA ARG B 261 4.53 17.63 5.60
C ARG B 261 5.37 16.37 5.76
N SER B 262 5.35 15.80 6.97
CA SER B 262 6.13 14.62 7.30
C SER B 262 5.63 13.39 6.54
N GLU B 263 4.33 13.11 6.68
CA GLU B 263 3.67 12.07 5.87
C GLU B 263 2.54 12.68 5.04
N PRO B 264 2.88 13.13 3.82
CA PRO B 264 1.93 13.86 2.97
C PRO B 264 0.85 12.94 2.41
N LEU B 265 1.16 11.64 2.37
CA LEU B 265 0.32 10.69 1.65
C LEU B 265 -0.58 9.84 2.54
N LYS B 266 -0.77 10.25 3.79
CA LYS B 266 -1.54 9.48 4.77
C LYS B 266 -3.06 9.42 4.49
N PHE B 267 -3.65 8.23 4.57
CA PHE B 267 -5.10 8.08 4.43
C PHE B 267 -5.82 8.59 5.68
N GLU B 294 -26.85 40.77 4.35
CA GLU B 294 -26.60 39.63 3.48
C GLU B 294 -25.13 39.58 3.10
N LEU B 295 -24.43 40.68 3.34
CA LEU B 295 -23.00 40.75 3.09
C LEU B 295 -22.31 39.71 3.95
N TRP B 296 -22.92 39.42 5.10
CA TRP B 296 -22.40 38.42 6.01
C TRP B 296 -22.57 37.01 5.47
N TYR B 297 -23.78 36.72 5.00
CA TYR B 297 -24.11 35.47 4.30
C TYR B 297 -22.99 35.01 3.35
N ARG B 298 -22.45 35.96 2.59
CA ARG B 298 -21.31 35.70 1.71
C ARG B 298 -20.02 35.49 2.49
N LYS B 299 -19.68 36.46 3.34
CA LYS B 299 -18.49 36.35 4.19
C LYS B 299 -18.49 35.03 4.98
N SER B 300 -19.67 34.64 5.44
CA SER B 300 -19.84 33.42 6.24
C SER B 300 -19.51 32.16 5.46
N GLY B 301 -19.88 32.12 4.20
CA GLY B 301 -19.69 30.92 3.40
C GLY B 301 -18.49 30.93 2.48
N THR B 302 -17.72 32.01 2.53
CA THR B 302 -16.60 32.16 1.62
C THR B 302 -15.28 31.90 2.33
N TYR B 303 -14.41 31.12 1.69
CA TYR B 303 -13.08 30.83 2.19
C TYR B 303 -12.10 30.53 1.07
N ARG B 304 -10.81 30.65 1.37
CA ARG B 304 -9.76 30.39 0.41
C ARG B 304 -8.67 29.50 0.99
N GLY B 305 -8.06 28.69 0.14
CA GLY B 305 -6.91 27.88 0.49
C GLY B 305 -7.04 27.02 1.73
N LYS B 306 -8.23 26.51 1.98
CA LYS B 306 -8.43 25.64 3.13
C LYS B 306 -7.85 24.25 2.83
N VAL B 307 -7.15 23.69 3.81
CA VAL B 307 -6.59 22.36 3.64
C VAL B 307 -7.58 21.32 4.15
N GLN B 308 -7.95 20.38 3.29
CA GLN B 308 -8.89 19.33 3.67
C GLN B 308 -8.46 18.00 3.10
N ASN B 309 -8.74 16.94 3.84
CA ASN B 309 -8.50 15.58 3.35
C ASN B 309 -9.70 15.17 2.53
N LEU B 310 -9.64 13.96 1.96
CA LEU B 310 -10.71 13.47 1.09
C LEU B 310 -12.10 13.55 1.73
N THR B 311 -12.21 13.06 2.96
CA THR B 311 -13.45 13.12 3.73
C THR B 311 -14.04 14.53 3.88
N GLN B 312 -13.23 15.52 4.23
CA GLN B 312 -13.77 16.88 4.41
C GLN B 312 -14.19 17.50 3.09
N PHE B 313 -13.41 17.25 2.05
CA PHE B 313 -13.59 17.92 0.77
C PHE B 313 -14.70 17.28 -0.08
N TYR B 314 -15.06 16.05 0.24
CA TYR B 314 -15.80 15.21 -0.69
C TYR B 314 -16.83 14.41 0.08
N HIS B 315 -16.37 13.28 0.62
CA HIS B 315 -17.23 12.27 1.26
C HIS B 315 -17.37 12.50 2.77
N PRO B 316 -18.51 13.08 3.21
CA PRO B 316 -18.68 13.13 4.66
C PRO B 316 -19.79 12.17 5.14
N GLY B 331 -37.25 4.69 0.67
CA GLY B 331 -38.10 5.79 1.10
C GLY B 331 -37.89 7.06 0.28
N PHE B 332 -36.85 7.05 -0.55
CA PHE B 332 -36.49 8.19 -1.40
C PHE B 332 -36.26 7.80 -2.85
N LEU B 333 -36.41 8.77 -3.74
CA LEU B 333 -36.16 8.57 -5.16
C LEU B 333 -35.03 9.49 -5.64
N GLN B 334 -33.90 8.89 -6.03
CA GLN B 334 -32.76 9.64 -6.53
C GLN B 334 -32.93 9.84 -8.03
N TYR B 335 -32.76 11.08 -8.47
CA TYR B 335 -33.04 11.43 -9.85
C TYR B 335 -31.94 12.35 -10.35
N GLN B 336 -31.39 12.03 -11.52
CA GLN B 336 -30.26 12.79 -12.02
C GLN B 336 -30.35 12.97 -13.52
N PHE B 337 -30.07 14.19 -13.96
CA PHE B 337 -30.07 14.47 -15.39
C PHE B 337 -29.04 15.53 -15.70
N VAL B 338 -28.73 15.69 -16.98
CA VAL B 338 -27.86 16.79 -17.44
C VAL B 338 -28.47 17.49 -18.64
N ILE B 339 -28.44 18.81 -18.64
CA ILE B 339 -28.93 19.64 -19.73
C ILE B 339 -27.75 20.27 -20.47
N PRO B 340 -27.73 20.16 -21.82
CA PRO B 340 -26.61 20.71 -22.61
C PRO B 340 -26.32 22.15 -22.25
N THR B 341 -25.04 22.52 -22.28
CA THR B 341 -24.60 23.81 -21.76
C THR B 341 -25.39 24.98 -22.33
N GLU B 342 -25.64 24.95 -23.64
CA GLU B 342 -26.27 26.08 -24.32
C GLU B 342 -27.71 26.28 -23.86
N ALA B 343 -28.39 25.18 -23.58
CA ALA B 343 -29.79 25.24 -23.14
C ALA B 343 -29.95 25.70 -21.68
N VAL B 344 -29.30 26.79 -21.33
CA VAL B 344 -29.26 27.23 -19.94
C VAL B 344 -30.63 27.73 -19.45
N ASP B 345 -31.34 28.45 -20.32
CA ASP B 345 -32.67 28.97 -19.99
C ASP B 345 -33.65 27.84 -19.67
N GLU B 346 -33.52 26.76 -20.42
CA GLU B 346 -34.32 25.58 -20.20
C GLU B 346 -33.95 24.94 -18.87
N PHE B 347 -32.65 24.91 -18.59
CA PHE B 347 -32.18 24.41 -17.31
C PHE B 347 -32.83 25.15 -16.15
N LYS B 348 -32.86 26.46 -16.24
CA LYS B 348 -33.47 27.28 -15.19
C LYS B 348 -34.95 26.99 -15.07
N LYS B 349 -35.59 26.73 -16.22
CA LYS B 349 -37.00 26.44 -16.24
C LYS B 349 -37.29 25.14 -15.49
N ILE B 350 -36.47 24.12 -15.74
CA ILE B 350 -36.65 22.84 -15.06
C ILE B 350 -36.53 22.98 -13.54
N ILE B 351 -35.57 23.78 -13.10
CA ILE B 351 -35.40 24.01 -11.66
C ILE B 351 -36.63 24.63 -11.04
N GLY B 352 -37.15 25.68 -11.70
CA GLY B 352 -38.40 26.29 -11.29
C GLY B 352 -39.56 25.32 -11.21
N VAL B 353 -39.64 24.43 -12.21
CA VAL B 353 -40.66 23.39 -12.21
C VAL B 353 -40.54 22.52 -10.98
N ILE B 354 -39.32 22.08 -10.69
CA ILE B 354 -39.04 21.28 -9.50
C ILE B 354 -39.48 21.94 -8.20
N GLN B 355 -39.09 23.20 -8.00
CA GLN B 355 -39.42 23.89 -6.76
C GLN B 355 -40.93 24.00 -6.55
N ALA B 356 -41.64 24.39 -7.61
CA ALA B 356 -43.07 24.64 -7.58
C ALA B 356 -43.89 23.36 -7.52
N SER B 357 -43.22 22.22 -7.70
CA SER B 357 -43.90 20.93 -7.84
C SER B 357 -44.45 20.38 -6.52
N GLY B 358 -44.09 20.99 -5.40
CA GLY B 358 -44.50 20.46 -4.12
C GLY B 358 -43.62 19.29 -3.70
N HIS B 359 -42.62 18.99 -4.51
CA HIS B 359 -41.71 17.90 -4.17
C HIS B 359 -40.37 18.47 -3.72
N TYR B 360 -40.09 18.28 -2.43
CA TYR B 360 -38.97 18.93 -1.78
C TYR B 360 -37.72 18.05 -1.69
N SER B 361 -36.61 18.56 -2.20
CA SER B 361 -35.33 17.87 -2.11
C SER B 361 -34.31 18.73 -1.36
N PHE B 362 -33.69 18.15 -0.33
CA PHE B 362 -32.69 18.87 0.45
C PHE B 362 -31.28 18.56 -0.08
N LEU B 363 -31.04 17.28 -0.35
CA LEU B 363 -29.75 16.86 -0.84
C LEU B 363 -29.64 17.02 -2.36
N ASN B 364 -29.04 18.13 -2.79
CA ASN B 364 -28.98 18.47 -4.20
C ASN B 364 -27.57 18.77 -4.66
N VAL B 365 -27.11 18.06 -5.69
CA VAL B 365 -25.77 18.29 -6.19
C VAL B 365 -25.76 18.91 -7.58
N PHE B 366 -25.13 20.08 -7.69
CA PHE B 366 -25.00 20.81 -8.94
C PHE B 366 -23.57 20.77 -9.42
N LYS B 367 -23.39 20.45 -10.69
CA LYS B 367 -22.09 20.48 -11.33
C LYS B 367 -22.18 20.69 -12.85
N LEU B 368 -21.23 21.46 -13.38
CA LEU B 368 -21.03 21.62 -14.81
C LEU B 368 -20.06 20.56 -15.32
N PHE B 369 -20.57 19.64 -16.14
CA PHE B 369 -19.75 18.66 -16.83
C PHE B 369 -18.89 19.29 -17.93
N GLY B 370 -17.80 18.61 -18.29
CA GLY B 370 -16.94 19.04 -19.38
C GLY B 370 -17.17 18.15 -20.60
N PRO B 371 -16.20 18.13 -21.51
CA PRO B 371 -16.32 17.33 -22.75
C PRO B 371 -16.65 15.87 -22.47
N ARG B 372 -17.33 15.24 -23.42
CA ARG B 372 -17.74 13.87 -23.28
C ARG B 372 -16.74 12.93 -23.95
N ASN B 373 -16.97 11.62 -23.82
CA ASN B 373 -16.07 10.65 -24.40
C ASN B 373 -16.73 9.83 -25.52
N GLN B 374 -16.03 8.87 -26.07
CA GLN B 374 -16.55 8.15 -27.23
C GLN B 374 -17.47 6.98 -26.94
N ALA B 375 -17.78 6.72 -25.68
CA ALA B 375 -18.71 5.63 -25.32
C ALA B 375 -20.14 6.01 -25.67
N PRO B 376 -20.78 5.24 -26.57
CA PRO B 376 -22.17 5.49 -26.98
C PRO B 376 -23.14 5.74 -25.82
N LEU B 377 -23.16 4.86 -24.83
CA LEU B 377 -24.06 5.00 -23.68
C LEU B 377 -23.46 5.73 -22.46
N SER B 378 -22.44 6.54 -22.70
CA SER B 378 -21.88 7.35 -21.61
C SER B 378 -22.88 8.41 -21.17
N PHE B 379 -23.10 8.53 -19.87
CA PHE B 379 -24.03 9.55 -19.38
C PHE B 379 -23.56 11.00 -19.55
N PRO B 380 -22.33 11.31 -19.12
CA PRO B 380 -21.98 12.74 -19.11
C PRO B 380 -21.81 13.39 -20.48
N ILE B 381 -22.39 14.58 -20.62
CA ILE B 381 -22.13 15.48 -21.74
C ILE B 381 -21.96 16.88 -21.17
N PRO B 382 -21.24 17.76 -21.91
CA PRO B 382 -21.02 19.10 -21.36
C PRO B 382 -22.33 19.79 -21.01
N GLY B 383 -22.44 20.30 -19.79
CA GLY B 383 -23.65 21.01 -19.39
C GLY B 383 -24.05 20.86 -17.95
N TRP B 384 -25.26 21.31 -17.65
CA TRP B 384 -25.73 21.44 -16.27
C TRP B 384 -26.19 20.10 -15.72
N ASN B 385 -25.40 19.55 -14.81
CA ASN B 385 -25.76 18.28 -14.21
C ASN B 385 -26.27 18.49 -12.81
N ILE B 386 -27.35 17.79 -12.47
CA ILE B 386 -27.92 17.97 -11.17
C ILE B 386 -28.50 16.67 -10.64
N CYS B 387 -28.37 16.47 -9.32
CA CYS B 387 -28.81 15.25 -8.69
C CYS B 387 -29.76 15.65 -7.55
N VAL B 388 -31.01 15.20 -7.62
CA VAL B 388 -31.98 15.49 -6.57
C VAL B 388 -32.39 14.21 -5.87
N ASP B 389 -33.03 14.38 -4.72
CA ASP B 389 -33.41 13.26 -3.87
C ASP B 389 -34.83 13.52 -3.37
N PHE B 390 -35.79 12.79 -3.92
CA PHE B 390 -37.19 13.05 -3.64
C PHE B 390 -37.80 12.06 -2.65
N PRO B 391 -38.43 12.58 -1.60
CA PRO B 391 -39.11 11.62 -0.73
C PRO B 391 -40.31 11.03 -1.45
N ILE B 392 -40.49 9.73 -1.28
CA ILE B 392 -41.53 9.01 -1.98
C ILE B 392 -42.90 9.40 -1.41
N LYS B 393 -43.70 10.08 -2.22
CA LYS B 393 -45.04 10.51 -1.86
C LYS B 393 -45.99 10.60 -3.09
N ASP B 394 -47.27 10.91 -2.86
CA ASP B 394 -48.28 10.83 -3.92
C ASP B 394 -48.04 11.71 -5.16
N GLY B 395 -48.11 11.07 -6.32
CA GLY B 395 -47.92 11.75 -7.60
C GLY B 395 -46.47 12.13 -7.86
N LEU B 396 -45.54 11.50 -7.15
CA LEU B 396 -44.13 11.71 -7.47
C LEU B 396 -43.80 11.02 -8.80
N GLY B 397 -44.20 9.75 -8.90
CA GLY B 397 -43.96 8.94 -10.08
C GLY B 397 -44.43 9.63 -11.34
N LYS B 398 -45.60 10.26 -11.25
CA LYS B 398 -46.18 10.96 -12.37
C LYS B 398 -45.40 12.23 -12.67
N PHE B 399 -44.90 12.85 -11.60
CA PHE B 399 -44.19 14.11 -11.74
C PHE B 399 -42.84 13.93 -12.43
N VAL B 400 -42.09 12.91 -12.03
CA VAL B 400 -40.79 12.67 -12.63
C VAL B 400 -40.93 12.34 -14.12
N SER B 401 -42.01 11.65 -14.45
CA SER B 401 -42.31 11.31 -15.84
C SER B 401 -42.40 12.59 -16.64
N GLU B 402 -42.91 13.63 -16.00
CA GLU B 402 -43.04 14.95 -16.64
C GLU B 402 -41.66 15.54 -16.82
N LEU B 403 -40.86 15.40 -15.77
CA LEU B 403 -39.47 15.86 -15.78
C LEU B 403 -38.71 15.20 -16.91
N ASP B 404 -38.89 13.89 -17.05
CA ASP B 404 -38.28 13.15 -18.13
C ASP B 404 -38.49 13.89 -19.44
N ARG B 405 -39.75 14.14 -19.76
CA ARG B 405 -40.12 14.74 -21.02
C ARG B 405 -39.48 16.11 -21.19
N ARG B 406 -39.36 16.89 -20.12
CA ARG B 406 -38.66 18.17 -20.22
C ARG B 406 -37.18 17.98 -20.54
N VAL B 407 -36.52 17.15 -19.73
CA VAL B 407 -35.11 16.80 -19.89
C VAL B 407 -34.86 16.30 -21.32
N LEU B 408 -35.77 15.43 -21.78
CA LEU B 408 -35.74 14.91 -23.16
C LEU B 408 -35.91 16.02 -24.20
N GLU B 409 -36.98 16.78 -24.06
CA GLU B 409 -37.26 17.95 -24.87
C GLU B 409 -36.03 18.84 -25.04
N PHE B 410 -35.29 19.03 -23.95
CA PHE B 410 -34.19 19.97 -23.94
C PHE B 410 -32.83 19.37 -24.33
N GLY B 411 -32.81 18.11 -24.72
CA GLY B 411 -31.62 17.49 -25.29
C GLY B 411 -30.76 16.76 -24.28
N GLY B 412 -31.26 16.72 -23.04
CA GLY B 412 -30.52 16.09 -21.95
C GLY B 412 -30.79 14.61 -21.79
N ARG B 413 -30.39 14.05 -20.66
CA ARG B 413 -30.62 12.63 -20.42
C ARG B 413 -30.62 12.28 -18.93
N LEU B 414 -31.09 11.08 -18.63
CA LEU B 414 -31.05 10.51 -17.29
C LEU B 414 -29.83 9.60 -17.16
N TYR B 415 -29.49 9.24 -15.94
CA TYR B 415 -28.33 8.41 -15.65
C TYR B 415 -28.84 7.06 -15.21
N THR B 416 -28.44 6.00 -15.90
CA THR B 416 -28.92 4.64 -15.58
C THR B 416 -28.56 4.15 -14.19
N ALA B 417 -27.41 4.61 -13.66
CA ALA B 417 -26.96 4.21 -12.33
C ALA B 417 -27.85 4.81 -11.24
N LYS B 418 -28.70 5.78 -11.60
CA LYS B 418 -29.63 6.39 -10.64
C LYS B 418 -31.08 6.05 -10.93
N ASP B 419 -31.36 5.47 -12.10
CA ASP B 419 -32.75 5.34 -12.59
C ASP B 419 -33.33 3.93 -12.65
N SER B 420 -34.58 3.80 -12.19
CA SER B 420 -35.30 2.53 -12.27
C SER B 420 -36.67 2.62 -12.98
N ARG B 421 -37.18 3.84 -13.17
CA ARG B 421 -38.56 3.94 -13.62
C ARG B 421 -38.78 4.37 -15.08
N THR B 422 -37.79 5.00 -15.71
CA THR B 422 -37.98 5.52 -17.07
C THR B 422 -38.31 4.46 -18.14
N THR B 423 -38.91 4.89 -19.25
CA THR B 423 -39.30 3.96 -20.32
C THR B 423 -38.25 3.85 -21.43
N ALA B 424 -38.29 2.73 -22.15
CA ALA B 424 -37.39 2.48 -23.26
C ALA B 424 -37.40 3.65 -24.23
N GLU B 425 -38.59 4.20 -24.41
CA GLU B 425 -38.84 5.36 -25.24
C GLU B 425 -37.91 6.48 -24.98
N THR B 426 -38.03 7.01 -23.77
CA THR B 426 -37.34 8.20 -23.36
C THR B 426 -35.84 7.89 -23.44
N PHE B 427 -35.46 6.69 -23.00
CA PHE B 427 -34.06 6.36 -22.96
C PHE B 427 -33.41 6.33 -24.35
N HIS B 428 -34.08 5.69 -25.29
CA HIS B 428 -33.53 5.60 -26.64
C HIS B 428 -33.41 6.97 -27.30
N ALA B 429 -34.33 7.84 -26.96
CA ALA B 429 -34.32 9.20 -27.49
C ALA B 429 -33.23 10.04 -26.82
N MET B 430 -33.00 9.80 -25.54
CA MET B 430 -31.95 10.50 -24.81
C MET B 430 -30.54 10.11 -25.28
N TYR B 431 -30.38 8.87 -25.71
CA TYR B 431 -29.10 8.35 -26.16
C TYR B 431 -29.12 7.93 -27.64
N PRO B 432 -29.00 8.90 -28.56
CA PRO B 432 -29.17 8.64 -30.00
C PRO B 432 -28.22 7.60 -30.59
N ARG B 433 -27.14 7.30 -29.89
CA ARG B 433 -26.19 6.29 -30.37
C ARG B 433 -26.54 4.91 -29.86
N VAL B 434 -27.66 4.79 -29.15
CA VAL B 434 -28.07 3.49 -28.60
C VAL B 434 -28.15 2.40 -29.67
N ASP B 435 -28.49 2.79 -30.88
CA ASP B 435 -28.64 1.82 -31.97
C ASP B 435 -27.28 1.31 -32.35
N GLU B 436 -26.34 2.24 -32.46
CA GLU B 436 -24.95 1.90 -32.75
C GLU B 436 -24.41 0.98 -31.67
N TRP B 437 -24.72 1.32 -30.42
CA TRP B 437 -24.31 0.51 -29.28
C TRP B 437 -24.85 -0.91 -29.37
N ILE B 438 -26.16 -1.02 -29.59
CA ILE B 438 -26.85 -2.32 -29.67
C ILE B 438 -26.24 -3.24 -30.73
N SER B 439 -25.86 -2.67 -31.87
CA SER B 439 -25.31 -3.46 -32.96
C SER B 439 -24.01 -4.11 -32.54
N VAL B 440 -23.21 -3.37 -31.78
CA VAL B 440 -21.98 -3.91 -31.20
C VAL B 440 -22.30 -4.99 -30.17
N ARG B 441 -23.33 -4.75 -29.37
CA ARG B 441 -23.74 -5.71 -28.36
C ARG B 441 -24.21 -7.03 -28.97
N ARG B 442 -24.96 -6.95 -30.06
CA ARG B 442 -25.46 -8.16 -30.72
C ARG B 442 -24.37 -8.89 -31.47
N LYS B 443 -23.34 -8.13 -31.87
CA LYS B 443 -22.19 -8.70 -32.54
C LYS B 443 -21.39 -9.56 -31.56
N VAL B 444 -21.35 -9.17 -30.29
CA VAL B 444 -20.55 -9.89 -29.27
C VAL B 444 -21.38 -10.82 -28.39
N ASP B 445 -22.69 -10.64 -28.37
CA ASP B 445 -23.56 -11.55 -27.64
C ASP B 445 -24.86 -11.80 -28.44
N PRO B 446 -24.78 -12.69 -29.45
CA PRO B 446 -25.93 -12.93 -30.32
C PRO B 446 -27.08 -13.60 -29.58
N LEU B 447 -26.75 -14.53 -28.68
CA LEU B 447 -27.73 -15.35 -27.99
C LEU B 447 -28.27 -14.74 -26.69
N ARG B 448 -27.96 -13.48 -26.45
CA ARG B 448 -28.40 -12.77 -25.24
C ARG B 448 -28.02 -13.53 -23.95
N VAL B 449 -26.77 -13.96 -23.92
CA VAL B 449 -26.19 -14.64 -22.76
C VAL B 449 -26.14 -13.73 -21.54
N PHE B 450 -25.87 -12.43 -21.79
CA PHE B 450 -25.86 -11.44 -20.71
C PHE B 450 -27.13 -10.61 -20.71
N ALA B 451 -27.73 -10.44 -19.53
CA ALA B 451 -29.04 -9.81 -19.42
C ALA B 451 -29.36 -9.39 -18.01
N SER B 452 -30.22 -8.38 -17.90
CA SER B 452 -30.65 -7.86 -16.62
C SER B 452 -32.07 -7.28 -16.70
N ASP B 453 -32.61 -6.92 -15.54
CA ASP B 453 -33.86 -6.19 -15.46
C ASP B 453 -33.83 -4.92 -16.30
N MET B 454 -32.82 -4.09 -16.08
CA MET B 454 -32.68 -2.87 -16.85
C MET B 454 -32.67 -3.11 -18.36
N ALA B 455 -31.89 -4.10 -18.80
CA ALA B 455 -31.77 -4.42 -20.23
C ALA B 455 -33.14 -4.70 -20.84
N ARG B 456 -33.95 -5.48 -20.14
CA ARG B 456 -35.30 -5.78 -20.60
C ARG B 456 -36.19 -4.54 -20.58
N ARG B 457 -36.15 -3.79 -19.48
CA ARG B 457 -36.92 -2.56 -19.34
C ARG B 457 -36.58 -1.53 -20.42
N LEU B 458 -35.31 -1.27 -20.63
CA LEU B 458 -34.88 -0.23 -21.57
C LEU B 458 -34.68 -0.78 -22.97
N GLU B 459 -34.95 -2.06 -23.14
CA GLU B 459 -34.82 -2.73 -24.44
C GLU B 459 -33.45 -2.52 -25.05
N LEU B 460 -32.44 -3.00 -24.33
CA LEU B 460 -31.05 -2.91 -24.74
C LEU B 460 -30.57 -4.34 -25.00
N LEU B 461 -31.39 -5.28 -24.58
CA LEU B 461 -31.16 -6.70 -24.82
C LEU B 461 -30.95 -6.97 -26.31
PA FAD C . 22.70 2.90 9.00
O1A FAD C . 22.85 2.64 10.48
O2A FAD C . 22.45 4.28 8.47
O5B FAD C . 23.98 2.31 8.25
C5B FAD C . 24.35 0.98 8.54
C4B FAD C . 25.26 0.45 7.45
O4B FAD C . 24.51 0.34 6.24
C3B FAD C . 26.44 1.37 7.16
O3B FAD C . 27.56 0.57 6.79
C2B FAD C . 26.01 2.10 5.92
O2B FAD C . 27.14 2.50 5.14
C1B FAD C . 25.24 1.00 5.21
N9A FAD C . 24.31 1.56 4.21
C8A FAD C . 23.17 2.21 4.50
N7A FAD C . 22.60 2.58 3.33
C5A FAD C . 23.41 2.18 2.32
C6A FAD C . 23.32 2.28 0.92
N6A FAD C . 22.27 2.89 0.34
N1A FAD C . 24.31 1.74 0.16
C2A FAD C . 25.34 1.12 0.75
N3A FAD C . 25.44 1.02 2.09
C4A FAD C . 24.48 1.54 2.89
N1 FAD C . 19.78 -5.86 13.21
C2 FAD C . 19.48 -7.16 12.97
O2 FAD C . 20.20 -7.83 12.04
N3 FAD C . 18.48 -7.80 13.64
C4 FAD C . 17.73 -7.16 14.58
O4 FAD C . 16.74 -7.78 15.25
C4X FAD C . 18.03 -5.75 14.87
N5 FAD C . 17.31 -5.09 15.79
C5X FAD C . 17.57 -3.78 16.05
C6 FAD C . 16.83 -3.08 16.99
C7 FAD C . 17.12 -1.74 17.25
C7M FAD C . 16.35 -0.96 18.26
C8 FAD C . 18.21 -1.06 16.51
C8M FAD C . 18.48 0.40 16.80
C9 FAD C . 18.94 -1.75 15.56
C9A FAD C . 18.65 -3.09 15.31
N10 FAD C . 19.38 -3.81 14.36
C10 FAD C . 19.07 -5.15 14.14
C1' FAD C . 20.47 -3.17 13.59
C2' FAD C . 20.00 -2.62 12.26
O2' FAD C . 19.11 -3.53 11.61
C3' FAD C . 21.18 -2.45 11.35
O3' FAD C . 22.22 -1.71 12.03
C4' FAD C . 20.77 -1.76 10.05
O4' FAD C . 21.92 -1.79 9.18
C5' FAD C . 20.24 -0.34 10.29
O5' FAD C . 19.79 0.26 9.08
P FAD C . 20.04 1.81 8.75
O1P FAD C . 19.37 2.20 7.46
O2P FAD C . 19.70 2.57 9.99
O3P FAD C . 21.61 1.84 8.42
O12 1W6 D . 19.12 -8.02 17.92
C12 1W6 D . 17.99 -7.90 18.35
C26 1W6 D . 17.58 -6.66 19.09
S27 1W6 D . 15.94 -6.39 19.49
C28 1W6 D . 16.34 -4.94 20.25
C34 1W6 D . 15.42 -4.10 20.86
C33 1W6 D . 15.86 -2.93 21.46
C32 1W6 D . 17.21 -2.63 21.45
C31 1W6 D . 18.13 -3.49 20.83
C29 1W6 D . 17.70 -4.66 20.22
N30 1W6 D . 18.39 -5.65 19.56
N13 1W6 D . 16.95 -8.88 18.21
C14 1W6 D . 17.06 -10.16 17.57
S15 1W6 D . 18.50 -10.87 16.93
C16 1W6 D . 17.75 -12.27 16.43
C17 1W6 D . 16.44 -12.26 16.73
C18 1W6 D . 15.97 -11.10 17.37
C19 1W6 D . 14.53 -10.88 17.78
O19 1W6 D . 13.70 -11.73 17.47
N20 1W6 D . 14.23 -9.91 18.78
C21 1W6 D . 12.90 -9.47 19.09
O22 1W6 D . 12.11 -10.29 19.55
O21 1W6 D . 12.68 -8.12 19.24
C37 1W6 D . 12.06 -7.57 20.36
C38 1W6 D . 12.17 -6.08 20.30
C1 GOL E . 26.94 -3.56 33.05
O1 GOL E . 28.26 -3.34 32.60
C2 GOL E . 26.85 -2.85 34.38
O2 GOL E . 26.85 -1.47 34.13
C3 GOL E . 25.69 -3.28 35.28
O3 GOL E . 25.41 -2.31 36.28
N1 IMD F . 4.62 -5.17 -13.04
C2 IMD F . 4.28 -3.95 -13.54
N3 IMD F . 5.11 -3.02 -13.04
C4 IMD F . 5.99 -3.67 -12.23
C5 IMD F . 5.69 -5.03 -12.24
PA FAD G . -23.23 -2.45 -9.15
O1A FAD G . -24.22 -1.47 -8.60
O2A FAD G . -23.08 -3.81 -8.51
O5B FAD G . -23.52 -2.73 -10.71
C5B FAD G . -23.66 -1.59 -11.55
C4B FAD G . -23.42 -1.95 -13.01
O4B FAD G . -22.05 -2.32 -13.20
C3B FAD G . -24.26 -3.15 -13.45
O3B FAD G . -24.64 -2.97 -14.81
C2B FAD G . -23.29 -4.29 -13.41
O2B FAD G . -23.61 -5.26 -14.40
C1B FAD G . -22.01 -3.59 -13.85
N9A FAD G . -20.83 -4.35 -13.42
C8A FAD G . -20.36 -4.45 -12.15
N7A FAD G . -19.26 -5.24 -12.17
C5A FAD G . -19.05 -5.64 -13.45
C6A FAD G . -18.10 -6.45 -14.07
N6A FAD G . -17.12 -7.01 -13.34
N1A FAD G . -18.17 -6.67 -15.41
C2A FAD G . -19.15 -6.11 -16.14
N3A FAD G . -20.09 -5.32 -15.56
C4A FAD G . -20.06 -5.08 -14.23
N1 FAD G . -21.89 7.59 -9.73
C2 FAD G . -21.22 8.59 -10.36
O2 FAD G . -20.95 8.45 -11.68
N3 FAD G . -20.82 9.70 -9.71
C4 FAD G . -21.07 9.86 -8.39
O4 FAD G . -20.67 10.98 -7.72
C4X FAD G . -21.81 8.79 -7.68
N5 FAD G . -22.08 8.92 -6.36
C5X FAD G . -22.75 7.95 -5.70
C6 FAD G . -23.04 8.06 -4.35
C7 FAD G . -23.73 7.04 -3.70
C7M FAD G . -24.03 7.17 -2.23
C8 FAD G . -24.17 5.82 -4.42
C8M FAD G . -24.91 4.73 -3.69
C9 FAD G . -23.88 5.69 -5.78
C9A FAD G . -23.20 6.71 -6.44
N10 FAD G . -22.91 6.62 -7.81
C10 FAD G . -22.20 7.68 -8.42
C1' FAD G . -23.31 5.42 -8.58
C2' FAD G . -22.19 4.39 -8.65
O2' FAD G . -20.93 5.02 -8.87
C3' FAD G . -22.45 3.46 -9.82
O3' FAD G . -23.79 2.99 -9.77
C4' FAD G . -21.45 2.31 -9.85
O4' FAD G . -21.67 1.58 -11.06
C5' FAD G . -21.58 1.39 -8.62
O5' FAD G . -20.56 0.39 -8.64
P FAD G . -20.89 -1.10 -8.10
O1P FAD G . -19.65 -1.95 -8.08
O2P FAD G . -21.70 -0.98 -6.83
O3P FAD G . -21.80 -1.69 -9.30
O12 1W6 H . -24.41 11.75 -7.47
C12 1W6 H . -23.84 12.14 -6.47
C26 1W6 H . -24.28 11.65 -5.14
S27 1W6 H . -23.42 11.97 -3.70
C28 1W6 H . -24.59 11.13 -2.80
C34 1W6 H . -24.53 10.96 -1.42
C33 1W6 H . -25.54 10.24 -0.79
C32 1W6 H . -26.57 9.71 -1.54
C31 1W6 H . -26.60 9.89 -2.92
C29 1W6 H . -25.61 10.61 -3.58
N30 1W6 H . -25.42 10.91 -4.89
N13 1W6 H . -22.73 13.07 -6.48
C14 1W6 H . -22.18 13.67 -7.66
S15 1W6 H . -22.79 13.56 -9.28
C16 1W6 H . -21.60 14.51 -9.96
C17 1W6 H . -20.72 14.93 -9.02
C18 1W6 H . -20.98 14.50 -7.70
C19 1W6 H . -20.11 14.88 -6.55
O19 1W6 H . -19.21 15.67 -6.81
N20 1W6 H . -20.51 14.59 -5.18
C21 1W6 H . -20.30 15.51 -4.08
O22 1W6 H . -19.62 16.51 -4.26
O21 1W6 H . -20.93 15.35 -2.84
C37 1W6 H . -20.79 14.17 -2.11
C38 1W6 H . -21.04 14.39 -0.66
C1 GOL I . -7.24 8.33 -4.71
O1 GOL I . -8.29 8.17 -3.80
C2 GOL I . -6.23 7.20 -4.59
O2 GOL I . -5.76 6.71 -5.82
C3 GOL I . -5.01 7.51 -3.77
O3 GOL I . -4.23 6.34 -3.78
C1 GOL J . -19.14 22.24 -11.70
O1 GOL J . -17.96 21.53 -12.03
C2 GOL J . -19.11 22.77 -10.28
O2 GOL J . -18.48 24.03 -10.24
C3 GOL J . -20.47 22.86 -9.66
O3 GOL J . -20.35 23.63 -8.49
#